data_3EWG
# 
_entry.id   3EWG 
# 
_audit_conform.dict_name       mmcif_pdbx.dic 
_audit_conform.dict_version    5.380 
_audit_conform.dict_location   http://mmcif.pdb.org/dictionaries/ascii/mmcif_pdbx.dic 
# 
loop_
_database_2.database_id 
_database_2.database_code 
_database_2.pdbx_database_accession 
_database_2.pdbx_DOI 
PDB   3EWG         pdb_00003ewg 10.2210/pdb3ewg/pdb 
RCSB  RCSB049852   ?            ?                   
WWPDB D_1000049852 ?            ?                   
# 
_pdbx_database_status.status_code                     REL 
_pdbx_database_status.entry_id                        3EWG 
_pdbx_database_status.recvd_initial_deposition_date   2008-10-15 
_pdbx_database_status.deposit_site                    RCSB 
_pdbx_database_status.process_site                    PDBJ 
_pdbx_database_status.status_code_sf                  REL 
_pdbx_database_status.status_code_mr                  ? 
_pdbx_database_status.SG_entry                        ? 
_pdbx_database_status.pdb_format_compatible           Y 
_pdbx_database_status.status_code_cs                  ? 
_pdbx_database_status.status_code_nmr_data            ? 
_pdbx_database_status.methods_development_category    ? 
# 
loop_
_audit_author.name 
_audit_author.pdbx_ordinal 
'Zhou, H.H.' 1 
'Liu, Q.'    2 
'Gao, Y.X.'  3 
'Teng, M.K.' 4 
'Niu, L.W.'  5 
# 
_citation.id                        primary 
_citation.title                     
;Crystal structure of NusG N-terminal (NGN) domain from Methanocaldococcus jannaschii and its interaction with rpoE''
;
_citation.journal_abbrev            Proteins 
_citation.journal_volume            76 
_citation.page_first                787 
_citation.page_last                 793 
_citation.year                      2009 
_citation.journal_id_ASTM           PSFGEY 
_citation.country                   US 
_citation.journal_id_ISSN           0887-3585 
_citation.journal_id_CSD            0867 
_citation.book_publisher            ? 
_citation.pdbx_database_id_PubMed   19475703 
_citation.pdbx_database_id_DOI      10.1002/prot.22465 
# 
loop_
_citation_author.citation_id 
_citation_author.name 
_citation_author.ordinal 
_citation_author.identifier_ORCID 
primary 'Zhou, H.H.' 1 ? 
primary 'Liu, Q.'    2 ? 
primary 'Gao, Y.X.'  3 ? 
primary 'Teng, M.K.' 4 ? 
primary 'Niu, L.W.'  5 ? 
# 
_cell.entry_id           3EWG 
_cell.length_a           39.951 
_cell.length_b           39.951 
_cell.length_c           83.147 
_cell.angle_alpha        90.00 
_cell.angle_beta         90.00 
_cell.angle_gamma        120.00 
_cell.Z_PDB              6 
_cell.pdbx_unique_axis   ? 
_cell.length_a_esd       ? 
_cell.length_b_esd       ? 
_cell.length_c_esd       ? 
_cell.angle_alpha_esd    ? 
_cell.angle_beta_esd     ? 
_cell.angle_gamma_esd    ? 
# 
_symmetry.entry_id                         3EWG 
_symmetry.space_group_name_H-M             'P 32 2 1' 
_symmetry.pdbx_full_space_group_name_H-M   ? 
_symmetry.cell_setting                     ? 
_symmetry.Int_Tables_number                154 
_symmetry.space_group_name_Hall            ? 
# 
loop_
_entity.id 
_entity.type 
_entity.src_method 
_entity.pdbx_description 
_entity.formula_weight 
_entity.pdbx_number_of_molecules 
_entity.pdbx_ec 
_entity.pdbx_mutation 
_entity.pdbx_fragment 
_entity.details 
1 polymer     man 'Putative transcription antitermination protein nusG' 10153.775 1  ? ? 'N-terminal domain, residues 1-83' ? 
2 non-polymer syn '1,4-DIETHYLENE DIOXIDE'                              88.105    2  ? ? ?                                  ? 
3 water       nat water                                                 18.015    34 ? ? ?                                  ? 
# 
_entity_name_com.entity_id   1 
_entity_name_com.name        'NusG, NGN' 
# 
_entity_poly.entity_id                      1 
_entity_poly.type                           'polypeptide(L)' 
_entity_poly.nstd_linkage                   no 
_entity_poly.nstd_monomer                   no 
_entity_poly.pdbx_seq_one_letter_code       
;MIFAVRTMVGQEKNIAGLMASRAEKEQLDVYSILASESLKGYVLVEAETKGDVEELIKGMPRVRGIVPGTIAIEEIEPLL
TPKLEHHHHHH
;
_entity_poly.pdbx_seq_one_letter_code_can   
;MIFAVRTMVGQEKNIAGLMASRAEKEQLDVYSILASESLKGYVLVEAETKGDVEELIKGMPRVRGIVPGTIAIEEIEPLL
TPKLEHHHHHH
;
_entity_poly.pdbx_strand_id                 A 
_entity_poly.pdbx_target_identifier         ? 
# 
loop_
_entity_poly_seq.entity_id 
_entity_poly_seq.num 
_entity_poly_seq.mon_id 
_entity_poly_seq.hetero 
1 1  MET n 
1 2  ILE n 
1 3  PHE n 
1 4  ALA n 
1 5  VAL n 
1 6  ARG n 
1 7  THR n 
1 8  MET n 
1 9  VAL n 
1 10 GLY n 
1 11 GLN n 
1 12 GLU n 
1 13 LYS n 
1 14 ASN n 
1 15 ILE n 
1 16 ALA n 
1 17 GLY n 
1 18 LEU n 
1 19 MET n 
1 20 ALA n 
1 21 SER n 
1 22 ARG n 
1 23 ALA n 
1 24 GLU n 
1 25 LYS n 
1 26 GLU n 
1 27 GLN n 
1 28 LEU n 
1 29 ASP n 
1 30 VAL n 
1 31 TYR n 
1 32 SER n 
1 33 ILE n 
1 34 LEU n 
1 35 ALA n 
1 36 SER n 
1 37 GLU n 
1 38 SER n 
1 39 LEU n 
1 40 LYS n 
1 41 GLY n 
1 42 TYR n 
1 43 VAL n 
1 44 LEU n 
1 45 VAL n 
1 46 GLU n 
1 47 ALA n 
1 48 GLU n 
1 49 THR n 
1 50 LYS n 
1 51 GLY n 
1 52 ASP n 
1 53 VAL n 
1 54 GLU n 
1 55 GLU n 
1 56 LEU n 
1 57 ILE n 
1 58 LYS n 
1 59 GLY n 
1 60 MET n 
1 61 PRO n 
1 62 ARG n 
1 63 VAL n 
1 64 ARG n 
1 65 GLY n 
1 66 ILE n 
1 67 VAL n 
1 68 PRO n 
1 69 GLY n 
1 70 THR n 
1 71 ILE n 
1 72 ALA n 
1 73 ILE n 
1 74 GLU n 
1 75 GLU n 
1 76 ILE n 
1 77 GLU n 
1 78 PRO n 
1 79 LEU n 
1 80 LEU n 
1 81 THR n 
1 82 PRO n 
1 83 LYS n 
1 84 LEU n 
1 85 GLU n 
1 86 HIS n 
1 87 HIS n 
1 88 HIS n 
1 89 HIS n 
1 90 HIS n 
1 91 HIS n 
# 
_entity_src_gen.entity_id                          1 
_entity_src_gen.pdbx_src_id                        1 
_entity_src_gen.pdbx_alt_source_flag               sample 
_entity_src_gen.pdbx_seq_type                      ? 
_entity_src_gen.pdbx_beg_seq_num                   ? 
_entity_src_gen.pdbx_end_seq_num                   ? 
_entity_src_gen.gene_src_common_name               'Methanococcus jannaschii' 
_entity_src_gen.gene_src_genus                     ? 
_entity_src_gen.pdbx_gene_src_gene                 NusG 
_entity_src_gen.gene_src_species                   ? 
_entity_src_gen.gene_src_strain                    'DSM 2661' 
_entity_src_gen.gene_src_tissue                    ? 
_entity_src_gen.gene_src_tissue_fraction           ? 
_entity_src_gen.gene_src_details                   ? 
_entity_src_gen.pdbx_gene_src_fragment             ? 
_entity_src_gen.pdbx_gene_src_scientific_name      'Methanocaldococcus jannaschii' 
_entity_src_gen.pdbx_gene_src_ncbi_taxonomy_id     2190 
_entity_src_gen.pdbx_gene_src_variant              ? 
_entity_src_gen.pdbx_gene_src_cell_line            ? 
_entity_src_gen.pdbx_gene_src_atcc                 ? 
_entity_src_gen.pdbx_gene_src_organ                ? 
_entity_src_gen.pdbx_gene_src_organelle            ? 
_entity_src_gen.pdbx_gene_src_cell                 ? 
_entity_src_gen.pdbx_gene_src_cellular_location    ? 
_entity_src_gen.host_org_common_name               ? 
_entity_src_gen.pdbx_host_org_scientific_name      'Escherichia coli' 
_entity_src_gen.pdbx_host_org_ncbi_taxonomy_id     469008 
_entity_src_gen.host_org_genus                     ? 
_entity_src_gen.pdbx_host_org_gene                 ? 
_entity_src_gen.pdbx_host_org_organ                ? 
_entity_src_gen.host_org_species                   ? 
_entity_src_gen.pdbx_host_org_tissue               ? 
_entity_src_gen.pdbx_host_org_tissue_fraction      ? 
_entity_src_gen.pdbx_host_org_strain               'BL21(DE3)' 
_entity_src_gen.pdbx_host_org_variant              ? 
_entity_src_gen.pdbx_host_org_cell_line            ? 
_entity_src_gen.pdbx_host_org_atcc                 ? 
_entity_src_gen.pdbx_host_org_culture_collection   ? 
_entity_src_gen.pdbx_host_org_cell                 ? 
_entity_src_gen.pdbx_host_org_organelle            ? 
_entity_src_gen.pdbx_host_org_cellular_location    ? 
_entity_src_gen.pdbx_host_org_vector_type          plasmid 
_entity_src_gen.pdbx_host_org_vector               ? 
_entity_src_gen.host_org_details                   ? 
_entity_src_gen.expression_system_id               ? 
_entity_src_gen.plasmid_name                       'pET22b(+)' 
_entity_src_gen.plasmid_details                    ? 
_entity_src_gen.pdbx_description                   ? 
# 
_struct_ref.id                         1 
_struct_ref.db_name                    UNP 
_struct_ref.db_code                    NUSG_METJA 
_struct_ref.pdbx_db_accession          Q57818 
_struct_ref.entity_id                  1 
_struct_ref.pdbx_seq_one_letter_code   
;MIFAVRTMVGQEKNIAGLMASRAEKEQLDVYSILASESLKGYVLVEAETKGDVEELIKGMPRVRGIVPGTIAIEEIEPLL
TPK
;
_struct_ref.pdbx_align_begin           1 
_struct_ref.pdbx_db_isoform            ? 
# 
_struct_ref_seq.align_id                      1 
_struct_ref_seq.ref_id                        1 
_struct_ref_seq.pdbx_PDB_id_code              3EWG 
_struct_ref_seq.pdbx_strand_id                A 
_struct_ref_seq.seq_align_beg                 1 
_struct_ref_seq.pdbx_seq_align_beg_ins_code   ? 
_struct_ref_seq.seq_align_end                 83 
_struct_ref_seq.pdbx_seq_align_end_ins_code   ? 
_struct_ref_seq.pdbx_db_accession             Q57818 
_struct_ref_seq.db_align_beg                  1 
_struct_ref_seq.pdbx_db_align_beg_ins_code    ? 
_struct_ref_seq.db_align_end                  83 
_struct_ref_seq.pdbx_db_align_end_ins_code    ? 
_struct_ref_seq.pdbx_auth_seq_align_beg       1 
_struct_ref_seq.pdbx_auth_seq_align_end       83 
# 
loop_
_struct_ref_seq_dif.align_id 
_struct_ref_seq_dif.pdbx_pdb_id_code 
_struct_ref_seq_dif.mon_id 
_struct_ref_seq_dif.pdbx_pdb_strand_id 
_struct_ref_seq_dif.seq_num 
_struct_ref_seq_dif.pdbx_pdb_ins_code 
_struct_ref_seq_dif.pdbx_seq_db_name 
_struct_ref_seq_dif.pdbx_seq_db_accession_code 
_struct_ref_seq_dif.db_mon_id 
_struct_ref_seq_dif.pdbx_seq_db_seq_num 
_struct_ref_seq_dif.details 
_struct_ref_seq_dif.pdbx_auth_seq_num 
_struct_ref_seq_dif.pdbx_ordinal 
1 3EWG LEU A 84 ? UNP Q57818 ? ? 'expression tag' 84 1 
1 3EWG GLU A 85 ? UNP Q57818 ? ? 'expression tag' 85 2 
1 3EWG HIS A 86 ? UNP Q57818 ? ? 'expression tag' 86 3 
1 3EWG HIS A 87 ? UNP Q57818 ? ? 'expression tag' 87 4 
1 3EWG HIS A 88 ? UNP Q57818 ? ? 'expression tag' 88 5 
1 3EWG HIS A 89 ? UNP Q57818 ? ? 'expression tag' 89 6 
1 3EWG HIS A 90 ? UNP Q57818 ? ? 'expression tag' 90 7 
1 3EWG HIS A 91 ? UNP Q57818 ? ? 'expression tag' 91 8 
# 
loop_
_chem_comp.id 
_chem_comp.type 
_chem_comp.mon_nstd_flag 
_chem_comp.name 
_chem_comp.pdbx_synonyms 
_chem_comp.formula 
_chem_comp.formula_weight 
ALA 'L-peptide linking' y ALANINE                  ? 'C3 H7 N O2'     89.093  
ARG 'L-peptide linking' y ARGININE                 ? 'C6 H15 N4 O2 1' 175.209 
ASN 'L-peptide linking' y ASPARAGINE               ? 'C4 H8 N2 O3'    132.118 
ASP 'L-peptide linking' y 'ASPARTIC ACID'          ? 'C4 H7 N O4'     133.103 
DIO non-polymer         . '1,4-DIETHYLENE DIOXIDE' ? 'C4 H8 O2'       88.105  
GLN 'L-peptide linking' y GLUTAMINE                ? 'C5 H10 N2 O3'   146.144 
GLU 'L-peptide linking' y 'GLUTAMIC ACID'          ? 'C5 H9 N O4'     147.129 
GLY 'peptide linking'   y GLYCINE                  ? 'C2 H5 N O2'     75.067  
HIS 'L-peptide linking' y HISTIDINE                ? 'C6 H10 N3 O2 1' 156.162 
HOH non-polymer         . WATER                    ? 'H2 O'           18.015  
ILE 'L-peptide linking' y ISOLEUCINE               ? 'C6 H13 N O2'    131.173 
LEU 'L-peptide linking' y LEUCINE                  ? 'C6 H13 N O2'    131.173 
LYS 'L-peptide linking' y LYSINE                   ? 'C6 H15 N2 O2 1' 147.195 
MET 'L-peptide linking' y METHIONINE               ? 'C5 H11 N O2 S'  149.211 
PHE 'L-peptide linking' y PHENYLALANINE            ? 'C9 H11 N O2'    165.189 
PRO 'L-peptide linking' y PROLINE                  ? 'C5 H9 N O2'     115.130 
SER 'L-peptide linking' y SERINE                   ? 'C3 H7 N O3'     105.093 
THR 'L-peptide linking' y THREONINE                ? 'C4 H9 N O3'     119.119 
TYR 'L-peptide linking' y TYROSINE                 ? 'C9 H11 N O3'    181.189 
VAL 'L-peptide linking' y VALINE                   ? 'C5 H11 N O2'    117.146 
# 
_exptl.entry_id          3EWG 
_exptl.method            'X-RAY DIFFRACTION' 
_exptl.crystals_number   1 
# 
_exptl_crystal.id                    1 
_exptl_crystal.density_meas          ? 
_exptl_crystal.density_Matthews      1.89 
_exptl_crystal.density_percent_sol   34.80 
_exptl_crystal.description           ? 
_exptl_crystal.F_000                 ? 
_exptl_crystal.preparation           ? 
# 
_exptl_crystal_grow.crystal_id      1 
_exptl_crystal_grow.method          'VAPOR DIFFUSION, SITTING DROP' 
_exptl_crystal_grow.temp            295 
_exptl_crystal_grow.temp_details    ? 
_exptl_crystal_grow.pH              7.0 
_exptl_crystal_grow.pdbx_details    
'29% (v/v) dioxane, 20mM Bis-Tris propane pH 7.0, VAPOR DIFFUSION, SITTING DROP, temperature 295K' 
_exptl_crystal_grow.pdbx_pH_range   . 
# 
_diffrn.id                     1 
_diffrn.ambient_temp           100 
_diffrn.ambient_temp_details   ? 
_diffrn.crystal_id             1 
# 
_diffrn_detector.diffrn_id              1 
_diffrn_detector.detector               'IMAGE PLATE' 
_diffrn_detector.type                   'MAR scanner 345 mm plate' 
_diffrn_detector.pdbx_collection_date   2008-07-01 
_diffrn_detector.details                ? 
# 
_diffrn_radiation.diffrn_id                        1 
_diffrn_radiation.wavelength_id                    1 
_diffrn_radiation.pdbx_monochromatic_or_laue_m_l   M 
_diffrn_radiation.monochromator                    GRAPHITE 
_diffrn_radiation.pdbx_diffrn_protocol             'SINGLE WAVELENGTH' 
_diffrn_radiation.pdbx_scattering_type             x-ray 
# 
_diffrn_radiation_wavelength.id           1 
_diffrn_radiation_wavelength.wavelength   1.5418 
_diffrn_radiation_wavelength.wt           1.0 
# 
_diffrn_source.diffrn_id                   1 
_diffrn_source.source                      'ROTATING ANODE' 
_diffrn_source.type                        'RIGAKU MICROMAX-007' 
_diffrn_source.pdbx_synchrotron_site       ? 
_diffrn_source.pdbx_synchrotron_beamline   ? 
_diffrn_source.pdbx_wavelength             ? 
_diffrn_source.pdbx_wavelength_list        1.5418 
# 
_reflns.entry_id                     3EWG 
_reflns.observed_criterion_sigma_I   ? 
_reflns.observed_criterion_sigma_F   ? 
_reflns.d_resolution_low             34.606 
_reflns.d_resolution_high            2.038 
_reflns.number_obs                   5232 
_reflns.number_all                   ? 
_reflns.percent_possible_obs         97.6 
_reflns.pdbx_Rmerge_I_obs            ? 
_reflns.pdbx_Rsym_value              ? 
_reflns.pdbx_netI_over_sigmaI        78.6 
_reflns.B_iso_Wilson_estimate        ? 
_reflns.pdbx_redundancy              8.8 
_reflns.R_free_details               ? 
_reflns.limit_h_max                  ? 
_reflns.limit_h_min                  ? 
_reflns.limit_k_max                  ? 
_reflns.limit_k_min                  ? 
_reflns.limit_l_max                  ? 
_reflns.limit_l_min                  ? 
_reflns.observed_criterion_F_max     ? 
_reflns.observed_criterion_F_min     ? 
_reflns.pdbx_chi_squared             ? 
_reflns.pdbx_scaling_rejects         ? 
_reflns.pdbx_ordinal                 1 
_reflns.pdbx_diffrn_id               1 
# 
_reflns_shell.d_res_high             2.03 
_reflns_shell.d_res_low              2.10 
_reflns_shell.percent_possible_all   84.1 
_reflns_shell.Rmerge_I_obs           ? 
_reflns_shell.pdbx_Rsym_value        ? 
_reflns_shell.meanI_over_sigI_obs    17.1 
_reflns_shell.pdbx_redundancy        6.0 
_reflns_shell.percent_possible_obs   ? 
_reflns_shell.number_unique_all      ? 
_reflns_shell.number_measured_all    438 
_reflns_shell.number_measured_obs    ? 
_reflns_shell.number_unique_obs      ? 
_reflns_shell.pdbx_chi_squared       ? 
_reflns_shell.pdbx_ordinal           1 
_reflns_shell.pdbx_diffrn_id         1 
# 
_refine.entry_id                                 3EWG 
_refine.ls_number_reflns_obs                     4710 
_refine.ls_number_reflns_all                     ? 
_refine.pdbx_ls_sigma_I                          ? 
_refine.pdbx_ls_sigma_F                          ? 
_refine.pdbx_data_cutoff_high_absF               ? 
_refine.pdbx_data_cutoff_low_absF                ? 
_refine.pdbx_data_cutoff_high_rms_absF           ? 
_refine.ls_d_res_low                             26.59 
_refine.ls_d_res_high                            2.04 
_refine.ls_percent_reflns_obs                    99.03 
_refine.ls_R_factor_obs                          0.19933 
_refine.ls_R_factor_all                          ? 
_refine.ls_R_factor_R_work                       0.19682 
_refine.ls_R_factor_R_free                       0.22454 
_refine.ls_R_factor_R_free_error                 ? 
_refine.ls_R_factor_R_free_error_details         ? 
_refine.ls_percent_reflns_R_free                 9.7 
_refine.ls_number_reflns_R_free                  507 
_refine.ls_number_parameters                     ? 
_refine.ls_number_restraints                     ? 
_refine.occupancy_min                            ? 
_refine.occupancy_max                            ? 
_refine.correlation_coeff_Fo_to_Fc               0.956 
_refine.correlation_coeff_Fo_to_Fc_free          0.951 
_refine.B_iso_mean                               35.301 
_refine.aniso_B[1][1]                            1.27 
_refine.aniso_B[2][2]                            1.27 
_refine.aniso_B[3][3]                            -1.91 
_refine.aniso_B[1][2]                            0.64 
_refine.aniso_B[1][3]                            0.00 
_refine.aniso_B[2][3]                            0.00 
_refine.solvent_model_details                    MASK 
_refine.solvent_model_param_ksol                 ? 
_refine.solvent_model_param_bsol                 ? 
_refine.pdbx_solvent_vdw_probe_radii             1.20 
_refine.pdbx_solvent_ion_probe_radii             0.80 
_refine.pdbx_solvent_shrinkage_radii             0.80 
_refine.pdbx_ls_cross_valid_method               THROUGHOUT 
_refine.details                                  'HYDROGENS HAVE BEEN ADDED IN THE RIDING POSITIONS' 
_refine.pdbx_starting_model                      'PDB CODE 2EXU' 
_refine.pdbx_method_to_determine_struct          'MOLECULAR REPLACEMENT' 
_refine.pdbx_isotropic_thermal_model             ? 
_refine.pdbx_stereochemistry_target_values       'MAXIMUM LIKELIHOOD' 
_refine.pdbx_stereochem_target_val_spec_case     ? 
_refine.pdbx_R_Free_selection_details            RANDOM 
_refine.pdbx_overall_ESU_R                       0.236 
_refine.pdbx_overall_ESU_R_Free                  0.178 
_refine.overall_SU_ML                            0.111 
_refine.overall_SU_B                             7.978 
_refine.ls_redundancy_reflns_obs                 ? 
_refine.B_iso_min                                ? 
_refine.B_iso_max                                ? 
_refine.overall_SU_R_Cruickshank_DPI             ? 
_refine.overall_SU_R_free                        ? 
_refine.ls_wR_factor_R_free                      ? 
_refine.ls_wR_factor_R_work                      ? 
_refine.overall_FOM_free_R_set                   ? 
_refine.overall_FOM_work_R_set                   ? 
_refine.pdbx_refine_id                           'X-RAY DIFFRACTION' 
_refine.pdbx_overall_phase_error                 ? 
_refine.pdbx_TLS_residual_ADP_flag               'LIKELY RESIDUAL' 
_refine.pdbx_diffrn_id                           1 
_refine.pdbx_overall_SU_R_free_Cruickshank_DPI   ? 
_refine.pdbx_overall_SU_R_Blow_DPI               ? 
_refine.pdbx_overall_SU_R_free_Blow_DPI          ? 
# 
_refine_hist.pdbx_refine_id                   'X-RAY DIFFRACTION' 
_refine_hist.cycle_id                         LAST 
_refine_hist.pdbx_number_atoms_protein        610 
_refine_hist.pdbx_number_atoms_nucleic_acid   0 
_refine_hist.pdbx_number_atoms_ligand         12 
_refine_hist.number_atoms_solvent             34 
_refine_hist.number_atoms_total               656 
_refine_hist.d_res_high                       2.04 
_refine_hist.d_res_low                        26.59 
# 
loop_
_refine_ls_restr.type 
_refine_ls_restr.dev_ideal 
_refine_ls_restr.dev_ideal_target 
_refine_ls_restr.weight 
_refine_ls_restr.number 
_refine_ls_restr.pdbx_refine_id 
_refine_ls_restr.pdbx_restraint_function 
r_bond_refined_d         0.007  0.022  ? 634 'X-RAY DIFFRACTION' ? 
r_angle_refined_deg      1.015  2.031  ? 850 'X-RAY DIFFRACTION' ? 
r_dihedral_angle_1_deg   4.911  5.000  ? 81  'X-RAY DIFFRACTION' ? 
r_dihedral_angle_2_deg   44.106 25.417 ? 24  'X-RAY DIFFRACTION' ? 
r_dihedral_angle_3_deg   14.555 15.000 ? 125 'X-RAY DIFFRACTION' ? 
r_dihedral_angle_4_deg   13.123 15.000 ? 4   'X-RAY DIFFRACTION' ? 
r_chiral_restr           0.062  0.200  ? 101 'X-RAY DIFFRACTION' ? 
r_gen_planes_refined     0.002  0.020  ? 443 'X-RAY DIFFRACTION' ? 
r_nbd_refined            0.183  0.200  ? 267 'X-RAY DIFFRACTION' ? 
r_nbtor_refined          0.296  0.200  ? 444 'X-RAY DIFFRACTION' ? 
r_xyhbond_nbd_refined    0.120  0.200  ? 27  'X-RAY DIFFRACTION' ? 
r_symmetry_vdw_refined   0.184  0.200  ? 26  'X-RAY DIFFRACTION' ? 
r_symmetry_hbond_refined 0.114  0.200  ? 8   'X-RAY DIFFRACTION' ? 
r_mcbond_it              0.655  1.500  ? 413 'X-RAY DIFFRACTION' ? 
r_mcangle_it             0.733  2.000  ? 643 'X-RAY DIFFRACTION' ? 
r_scbond_it              1.016  3.000  ? 245 'X-RAY DIFFRACTION' ? 
r_scangle_it             1.737  4.500  ? 206 'X-RAY DIFFRACTION' ? 
# 
_refine_ls_shell.pdbx_total_number_of_bins_used   20 
_refine_ls_shell.d_res_high                       2.038 
_refine_ls_shell.d_res_low                        2.091 
_refine_ls_shell.number_reflns_R_work             321 
_refine_ls_shell.R_factor_R_work                  0.217 
_refine_ls_shell.percent_reflns_obs               95.10 
_refine_ls_shell.R_factor_R_free                  0.253 
_refine_ls_shell.R_factor_R_free_error            ? 
_refine_ls_shell.percent_reflns_R_free            ? 
_refine_ls_shell.number_reflns_R_free             28 
_refine_ls_shell.number_reflns_all                ? 
_refine_ls_shell.R_factor_all                     ? 
_refine_ls_shell.number_reflns_obs                ? 
_refine_ls_shell.redundancy_reflns_obs            ? 
_refine_ls_shell.pdbx_refine_id                   'X-RAY DIFFRACTION' 
# 
_struct.entry_id                  3EWG 
_struct.title                     'Crystal structure of the N-terminal domain of NusG (NGN) from Methanocaldococcus jannaschii' 
_struct.pdbx_model_details        ? 
_struct.pdbx_CASP_flag            ? 
_struct.pdbx_model_type_details   ? 
# 
_struct_keywords.entry_id        3EWG 
_struct_keywords.pdbx_keywords   TRANSCRIPTION 
_struct_keywords.text            'ALPHA/BETA STRUCTURE, ANTIPARALLEL BETA SHEET, FLANKED ALPHA HELICES, transcription' 
# 
loop_
_struct_asym.id 
_struct_asym.pdbx_blank_PDB_chainid_flag 
_struct_asym.pdbx_modified 
_struct_asym.entity_id 
_struct_asym.details 
A N N 1 ? 
B N N 2 ? 
C N N 2 ? 
D N N 3 ? 
# 
_struct_biol.id        1 
_struct_biol.details   ? 
# 
loop_
_struct_conf.conf_type_id 
_struct_conf.id 
_struct_conf.pdbx_PDB_helix_id 
_struct_conf.beg_label_comp_id 
_struct_conf.beg_label_asym_id 
_struct_conf.beg_label_seq_id 
_struct_conf.pdbx_beg_PDB_ins_code 
_struct_conf.end_label_comp_id 
_struct_conf.end_label_asym_id 
_struct_conf.end_label_seq_id 
_struct_conf.pdbx_end_PDB_ins_code 
_struct_conf.beg_auth_comp_id 
_struct_conf.beg_auth_asym_id 
_struct_conf.beg_auth_seq_id 
_struct_conf.end_auth_comp_id 
_struct_conf.end_auth_asym_id 
_struct_conf.end_auth_seq_id 
_struct_conf.pdbx_PDB_helix_class 
_struct_conf.details 
_struct_conf.pdbx_PDB_helix_length 
HELX_P HELX_P1 1 GLN A 11 ? GLU A 26 ? GLN A 11 GLU A 26 1 ? 16 
HELX_P HELX_P2 2 THR A 49 ? LYS A 58 ? THR A 49 LYS A 58 1 ? 10 
HELX_P HELX_P3 3 ALA A 72 ? ILE A 76 ? ALA A 72 ILE A 76 5 ? 5  
# 
_struct_conf_type.id          HELX_P 
_struct_conf_type.criteria    ? 
_struct_conf_type.reference   ? 
# 
_struct_sheet.id               A 
_struct_sheet.type             ? 
_struct_sheet.number_strands   4 
_struct_sheet.details          ? 
# 
loop_
_struct_sheet_order.sheet_id 
_struct_sheet_order.range_id_1 
_struct_sheet_order.range_id_2 
_struct_sheet_order.offset 
_struct_sheet_order.sense 
A 1 2 ? anti-parallel 
A 2 3 ? anti-parallel 
A 3 4 ? anti-parallel 
# 
loop_
_struct_sheet_range.sheet_id 
_struct_sheet_range.id 
_struct_sheet_range.beg_label_comp_id 
_struct_sheet_range.beg_label_asym_id 
_struct_sheet_range.beg_label_seq_id 
_struct_sheet_range.pdbx_beg_PDB_ins_code 
_struct_sheet_range.end_label_comp_id 
_struct_sheet_range.end_label_asym_id 
_struct_sheet_range.end_label_seq_id 
_struct_sheet_range.pdbx_end_PDB_ins_code 
_struct_sheet_range.beg_auth_comp_id 
_struct_sheet_range.beg_auth_asym_id 
_struct_sheet_range.beg_auth_seq_id 
_struct_sheet_range.end_auth_comp_id 
_struct_sheet_range.end_auth_asym_id 
_struct_sheet_range.end_auth_seq_id 
A 1 VAL A 30 ? LEU A 34 ? VAL A 30 LEU A 34 
A 2 TYR A 42 ? ALA A 47 ? TYR A 42 ALA A 47 
A 3 ILE A 2  ? THR A 7  ? ILE A 2  THR A 7  
A 4 VAL A 63 ? ILE A 66 ? VAL A 63 ILE A 66 
# 
loop_
_pdbx_struct_sheet_hbond.sheet_id 
_pdbx_struct_sheet_hbond.range_id_1 
_pdbx_struct_sheet_hbond.range_id_2 
_pdbx_struct_sheet_hbond.range_1_label_atom_id 
_pdbx_struct_sheet_hbond.range_1_label_comp_id 
_pdbx_struct_sheet_hbond.range_1_label_asym_id 
_pdbx_struct_sheet_hbond.range_1_label_seq_id 
_pdbx_struct_sheet_hbond.range_1_PDB_ins_code 
_pdbx_struct_sheet_hbond.range_1_auth_atom_id 
_pdbx_struct_sheet_hbond.range_1_auth_comp_id 
_pdbx_struct_sheet_hbond.range_1_auth_asym_id 
_pdbx_struct_sheet_hbond.range_1_auth_seq_id 
_pdbx_struct_sheet_hbond.range_2_label_atom_id 
_pdbx_struct_sheet_hbond.range_2_label_comp_id 
_pdbx_struct_sheet_hbond.range_2_label_asym_id 
_pdbx_struct_sheet_hbond.range_2_label_seq_id 
_pdbx_struct_sheet_hbond.range_2_PDB_ins_code 
_pdbx_struct_sheet_hbond.range_2_auth_atom_id 
_pdbx_struct_sheet_hbond.range_2_auth_comp_id 
_pdbx_struct_sheet_hbond.range_2_auth_asym_id 
_pdbx_struct_sheet_hbond.range_2_auth_seq_id 
A 1 2 N LEU A 34 ? N LEU A 34 O LEU A 44 ? O LEU A 44 
A 2 3 O VAL A 43 ? O VAL A 43 N VAL A 5  ? N VAL A 5  
A 3 4 N ARG A 6  ? N ARG A 6  O GLY A 65 ? O GLY A 65 
# 
loop_
_struct_site.id 
_struct_site.pdbx_evidence_code 
_struct_site.pdbx_auth_asym_id 
_struct_site.pdbx_auth_comp_id 
_struct_site.pdbx_auth_seq_id 
_struct_site.pdbx_auth_ins_code 
_struct_site.pdbx_num_residues 
_struct_site.details 
AC1 Software A DIO 92 ? 4 'BINDING SITE FOR RESIDUE DIO A 92' 
AC2 Software A DIO 93 ? 4 'BINDING SITE FOR RESIDUE DIO A 93' 
# 
loop_
_struct_site_gen.id 
_struct_site_gen.site_id 
_struct_site_gen.pdbx_num_res 
_struct_site_gen.label_comp_id 
_struct_site_gen.label_asym_id 
_struct_site_gen.label_seq_id 
_struct_site_gen.pdbx_auth_ins_code 
_struct_site_gen.auth_comp_id 
_struct_site_gen.auth_asym_id 
_struct_site_gen.auth_seq_id 
_struct_site_gen.label_atom_id 
_struct_site_gen.label_alt_id 
_struct_site_gen.symmetry 
_struct_site_gen.details 
1 AC1 4 TYR A 42 ? TYR A 42 . ? 1_555 ? 
2 AC1 4 TYR A 42 ? TYR A 42 . ? 4_555 ? 
3 AC1 4 ILE A 71 ? ILE A 71 . ? 1_555 ? 
4 AC1 4 LEU A 79 ? LEU A 79 . ? 1_555 ? 
5 AC2 4 ILE A 2  ? ILE A 2  . ? 1_555 ? 
6 AC2 4 SER A 32 ? SER A 32 . ? 1_555 ? 
7 AC2 4 LEU A 34 ? LEU A 34 . ? 1_555 ? 
8 AC2 4 GLU A 46 ? GLU A 46 . ? 1_555 ? 
# 
_atom_sites.entry_id                    3EWG 
_atom_sites.fract_transf_matrix[1][1]   0.01572987 
_atom_sites.fract_transf_matrix[1][2]   -0.00918113 
_atom_sites.fract_transf_matrix[1][3]   -0.02244238 
_atom_sites.fract_transf_matrix[2][1]   0.01899069 
_atom_sites.fract_transf_matrix[2][2]   -0.02150592 
_atom_sites.fract_transf_matrix[2][3]   0.00349751 
_atom_sites.fract_transf_matrix[3][1]   -0.00855730 
_atom_sites.fract_transf_matrix[3][2]   -0.00799967 
_atom_sites.fract_transf_matrix[3][3]   -0.00272516 
_atom_sites.fract_transf_vector[1]      -0.213558 
_atom_sites.fract_transf_vector[2]      -0.408462 
_atom_sites.fract_transf_vector[3]      -0.109286 
# 
loop_
_atom_type.symbol 
C 
N 
O 
S 
# 
loop_
_atom_site.group_PDB 
_atom_site.id 
_atom_site.type_symbol 
_atom_site.label_atom_id 
_atom_site.label_alt_id 
_atom_site.label_comp_id 
_atom_site.label_asym_id 
_atom_site.label_entity_id 
_atom_site.label_seq_id 
_atom_site.pdbx_PDB_ins_code 
_atom_site.Cartn_x 
_atom_site.Cartn_y 
_atom_site.Cartn_z 
_atom_site.occupancy 
_atom_site.B_iso_or_equiv 
_atom_site.pdbx_formal_charge 
_atom_site.auth_seq_id 
_atom_site.auth_comp_id 
_atom_site.auth_asym_id 
_atom_site.auth_atom_id 
_atom_site.pdbx_PDB_model_num 
ATOM   1   N N     . MET A 1 1  ? 4.418   2.242   10.850  1.00 31.21 ? 1   MET A N     1 
ATOM   2   C CA    . MET A 1 1  ? 3.760   0.909   10.710  1.00 31.43 ? 1   MET A CA    1 
ATOM   3   C C     . MET A 1 1  ? 3.734   0.482   9.254   1.00 30.69 ? 1   MET A C     1 
ATOM   4   O O     . MET A 1 1  ? 3.626   1.326   8.364   1.00 30.71 ? 1   MET A O     1 
ATOM   5   C CB    . MET A 1 1  ? 2.314   0.970   11.202  1.00 31.88 ? 1   MET A CB    1 
ATOM   6   C CG    . MET A 1 1  ? 2.132   1.029   12.697  1.00 33.96 ? 1   MET A CG    1 
ATOM   7   S SD    . MET A 1 1  ? 0.379   1.153   13.114  1.00 38.74 ? 1   MET A SD    1 
ATOM   8   C CE    . MET A 1 1  ? 0.109   2.908   12.908  1.00 36.06 ? 1   MET A CE    1 
ATOM   9   N N     . ILE A 1 2  ? 3.803   -0.827  9.019   1.00 30.13 ? 2   ILE A N     1 
ATOM   10  C CA    . ILE A 1 2  ? 3.674   -1.377  7.667   1.00 29.71 ? 2   ILE A CA    1 
ATOM   11  C C     . ILE A 1 2  ? 2.258   -1.918  7.473   1.00 29.32 ? 2   ILE A C     1 
ATOM   12  O O     . ILE A 1 2  ? 1.761   -2.698  8.285   1.00 29.22 ? 2   ILE A O     1 
ATOM   13  C CB    . ILE A 1 2  ? 4.738   -2.465  7.373   1.00 29.80 ? 2   ILE A CB    1 
ATOM   14  C CG1   . ILE A 1 2  ? 6.151   -1.893  7.545   1.00 29.96 ? 2   ILE A CG1   1 
ATOM   15  C CG2   . ILE A 1 2  ? 4.562   -3.058  5.954   1.00 29.90 ? 2   ILE A CG2   1 
ATOM   16  C CD1   . ILE A 1 2  ? 7.218   -2.948  7.792   1.00 30.59 ? 2   ILE A CD1   1 
ATOM   17  N N     . PHE A 1 3  ? 1.615   -1.486  6.394   1.00 28.98 ? 3   PHE A N     1 
ATOM   18  C CA    . PHE A 1 3  ? 0.266   -1.916  6.072   1.00 28.58 ? 3   PHE A CA    1 
ATOM   19  C C     . PHE A 1 3  ? 0.271   -2.660  4.743   1.00 28.67 ? 3   PHE A C     1 
ATOM   20  O O     . PHE A 1 3  ? 1.095   -2.375  3.858   1.00 28.52 ? 3   PHE A O     1 
ATOM   21  C CB    . PHE A 1 3  ? -0.673  -0.708  5.984   1.00 28.77 ? 3   PHE A CB    1 
ATOM   22  C CG    . PHE A 1 3  ? -0.767  0.088   7.261   1.00 29.36 ? 3   PHE A CG    1 
ATOM   23  C CD1   . PHE A 1 3  ? -1.711  -0.237  8.228   1.00 29.05 ? 3   PHE A CD1   1 
ATOM   24  C CD2   . PHE A 1 3  ? 0.088   1.160   7.494   1.00 29.49 ? 3   PHE A CD2   1 
ATOM   25  C CE1   . PHE A 1 3  ? -1.803  0.493   9.412   1.00 30.63 ? 3   PHE A CE1   1 
ATOM   26  C CE2   . PHE A 1 3  ? 0.002   1.900   8.672   1.00 29.47 ? 3   PHE A CE2   1 
ATOM   27  C CZ    . PHE A 1 3  ? -0.946  1.562   9.634   1.00 30.14 ? 3   PHE A CZ    1 
ATOM   28  N N     . ALA A 1 4  ? -0.644  -3.613  4.605   1.00 28.18 ? 4   ALA A N     1 
ATOM   29  C CA    . ALA A 1 4  ? -0.868  -4.269  3.323   1.00 27.99 ? 4   ALA A CA    1 
ATOM   30  C C     . ALA A 1 4  ? -2.158  -3.723  2.728   1.00 27.93 ? 4   ALA A C     1 
ATOM   31  O O     . ALA A 1 4  ? -3.219  -3.789  3.356   1.00 27.48 ? 4   ALA A O     1 
ATOM   32  C CB    . ALA A 1 4  ? -0.947  -5.786  3.495   1.00 27.88 ? 4   ALA A CB    1 
ATOM   33  N N     . VAL A 1 5  ? -2.051  -3.167  1.527   1.00 27.96 ? 5   VAL A N     1 
ATOM   34  C CA    . VAL A 1 5  ? -3.212  -2.687  0.790   1.00 28.13 ? 5   VAL A CA    1 
ATOM   35  C C     . VAL A 1 5  ? -3.599  -3.757  -0.228  1.00 28.33 ? 5   VAL A C     1 
ATOM   36  O O     . VAL A 1 5  ? -2.797  -4.136  -1.079  1.00 27.81 ? 5   VAL A O     1 
ATOM   37  C CB    . VAL A 1 5  ? -2.930  -1.344  0.085   1.00 28.21 ? 5   VAL A CB    1 
ATOM   38  C CG1   . VAL A 1 5  ? -4.138  -0.908  -0.756  1.00 27.41 ? 5   VAL A CG1   1 
ATOM   39  C CG2   . VAL A 1 5  ? -2.571  -0.274  1.112   1.00 28.55 ? 5   VAL A CG2   1 
ATOM   40  N N     . ARG A 1 6  ? -4.827  -4.247  -0.110  1.00 28.57 ? 6   ARG A N     1 
ATOM   41  C CA    . ARG A 1 6  ? -5.346  -5.288  -0.982  1.00 29.16 ? 6   ARG A CA    1 
ATOM   42  C C     . ARG A 1 6  ? -5.804  -4.666  -2.302  1.00 29.09 ? 6   ARG A C     1 
ATOM   43  O O     . ARG A 1 6  ? -6.602  -3.720  -2.317  1.00 29.11 ? 6   ARG A O     1 
ATOM   44  C CB    . ARG A 1 6  ? -6.501  -6.018  -0.281  1.00 29.14 ? 6   ARG A CB    1 
ATOM   45  C CG    . ARG A 1 6  ? -7.212  -7.072  -1.110  1.00 30.59 ? 6   ARG A CG    1 
ATOM   46  C CD    . ARG A 1 6  ? -6.405  -8.353  -1.227  1.00 32.40 ? 6   ARG A CD    1 
ATOM   47  N NE    . ARG A 1 6  ? -7.159  -9.394  -1.913  1.00 33.50 ? 6   ARG A NE    1 
ATOM   48  C CZ    . ARG A 1 6  ? -6.617  -10.406 -2.583  1.00 35.33 ? 6   ARG A CZ    1 
ATOM   49  N NH1   . ARG A 1 6  ? -5.291  -10.531 -2.676  1.00 34.48 ? 6   ARG A NH1   1 
ATOM   50  N NH2   . ARG A 1 6  ? -7.407  -11.295 -3.173  1.00 35.13 ? 6   ARG A NH2   1 
ATOM   51  N N     . THR A 1 7  ? -5.288  -5.198  -3.405  1.00 29.20 ? 7   THR A N     1 
ATOM   52  C CA    . THR A 1 7  ? -5.611  -4.689  -4.733  1.00 29.31 ? 7   THR A CA    1 
ATOM   53  C C     . THR A 1 7  ? -6.108  -5.810  -5.632  1.00 29.54 ? 7   THR A C     1 
ATOM   54  O O     . THR A 1 7  ? -5.977  -6.995  -5.298  1.00 29.44 ? 7   THR A O     1 
ATOM   55  C CB    . THR A 1 7  ? -4.380  -4.021  -5.421  1.00 29.28 ? 7   THR A CB    1 
ATOM   56  O OG1   . THR A 1 7  ? -3.494  -5.032  -5.929  1.00 29.35 ? 7   THR A OG1   1 
ATOM   57  C CG2   . THR A 1 7  ? -3.616  -3.102  -4.456  1.00 29.48 ? 7   THR A CG2   1 
ATOM   58  N N     . MET A 1 8  ? -6.672  -5.429  -6.777  1.00 29.51 ? 8   MET A N     1 
ATOM   59  C CA    . MET A 1 8  ? -6.902  -6.372  -7.859  1.00 29.83 ? 8   MET A CA    1 
ATOM   60  C C     . MET A 1 8  ? -5.550  -6.946  -8.275  1.00 29.93 ? 8   MET A C     1 
ATOM   61  O O     . MET A 1 8  ? -4.557  -6.209  -8.368  1.00 29.89 ? 8   MET A O     1 
ATOM   62  C CB    . MET A 1 8  ? -7.559  -5.675  -9.051  1.00 29.69 ? 8   MET A CB    1 
ATOM   63  C CG    . MET A 1 8  ? -7.977  -6.626  -10.167 1.00 30.65 ? 8   MET A CG    1 
ATOM   64  S SD    . MET A 1 8  ? -8.829  -5.782  -11.511 1.00 33.56 ? 8   MET A SD    1 
ATOM   65  C CE    . MET A 1 8  ? -7.500  -5.513  -12.661 1.00 34.03 ? 8   MET A CE    1 
ATOM   66  N N     . VAL A 1 9  ? -5.509  -8.254  -8.510  1.00 30.10 ? 9   VAL A N     1 
ATOM   67  C CA    . VAL A 1 9  ? -4.286  -8.916  -8.967  1.00 30.35 ? 9   VAL A CA    1 
ATOM   68  C C     . VAL A 1 9  ? -3.867  -8.325  -10.315 1.00 30.49 ? 9   VAL A C     1 
ATOM   69  O O     . VAL A 1 9  ? -4.693  -8.178  -11.216 1.00 30.36 ? 9   VAL A O     1 
ATOM   70  C CB    . VAL A 1 9  ? -4.473  -10.452 -9.052  1.00 30.36 ? 9   VAL A CB    1 
ATOM   71  C CG1   . VAL A 1 9  ? -3.281  -11.125 -9.728  1.00 30.66 ? 9   VAL A CG1   1 
ATOM   72  C CG2   . VAL A 1 9  ? -4.696  -11.035 -7.662  1.00 30.60 ? 9   VAL A CG2   1 
ATOM   73  N N     . GLY A 1 10 ? -2.595  -7.948  -10.427 1.00 30.54 ? 10  GLY A N     1 
ATOM   74  C CA    . GLY A 1 10 ? -2.067  -7.378  -11.664 1.00 30.81 ? 10  GLY A CA    1 
ATOM   75  C C     . GLY A 1 10 ? -2.004  -5.863  -11.681 1.00 30.85 ? 10  GLY A C     1 
ATOM   76  O O     . GLY A 1 10 ? -1.372  -5.278  -12.560 1.00 30.76 ? 10  GLY A O     1 
ATOM   77  N N     . GLN A 1 11 ? -2.645  -5.224  -10.701 1.00 31.01 ? 11  GLN A N     1 
ATOM   78  C CA    . GLN A 1 11 ? -2.674  -3.760  -10.610 1.00 30.96 ? 11  GLN A CA    1 
ATOM   79  C C     . GLN A 1 11 ? -1.712  -3.194  -9.560  1.00 30.91 ? 11  GLN A C     1 
ATOM   80  O O     . GLN A 1 11 ? -1.771  -2.004  -9.242  1.00 30.46 ? 11  GLN A O     1 
ATOM   81  C CB    . GLN A 1 11 ? -4.096  -3.262  -10.321 1.00 31.32 ? 11  GLN A CB    1 
ATOM   82  C CG    . GLN A 1 11 ? -5.114  -3.576  -11.409 1.00 32.30 ? 11  GLN A CG    1 
ATOM   83  C CD    . GLN A 1 11 ? -4.796  -2.898  -12.727 1.00 34.30 ? 11  GLN A CD    1 
ATOM   84  O OE1   . GLN A 1 11 ? -4.782  -1.670  -12.823 1.00 35.74 ? 11  GLN A OE1   1 
ATOM   85  N NE2   . GLN A 1 11 ? -4.536  -3.698  -13.754 1.00 34.82 ? 11  GLN A NE2   1 
ATOM   86  N N     . GLU A 1 12 ? -0.828  -4.044  -9.039  1.00 30.69 ? 12  GLU A N     1 
ATOM   87  C CA    . GLU A 1 12 ? 0.067   -3.673  -7.937  1.00 30.70 ? 12  GLU A CA    1 
ATOM   88  C C     . GLU A 1 12 ? 0.964   -2.475  -8.287  1.00 30.91 ? 12  GLU A C     1 
ATOM   89  O O     . GLU A 1 12 ? 1.004   -1.489  -7.549  1.00 30.80 ? 12  GLU A O     1 
ATOM   90  C CB    . GLU A 1 12 ? 0.906   -4.878  -7.480  1.00 30.47 ? 12  GLU A CB    1 
ATOM   91  C CG    . GLU A 1 12 ? 0.093   -6.121  -7.070  1.00 30.21 ? 12  GLU A CG    1 
ATOM   92  C CD    . GLU A 1 12 ? -0.315  -6.994  -8.254  1.00 30.37 ? 12  GLU A CD    1 
ATOM   93  O OE1   . GLU A 1 12 ? 0.023   -6.645  -9.405  1.00 30.78 ? 12  GLU A OE1   1 
ATOM   94  O OE2   . GLU A 1 12 ? -0.967  -8.037  -8.040  1.00 30.51 ? 12  GLU A OE2   1 
ATOM   95  N N     . LYS A 1 13 ? 1.664   -2.554  -9.419  1.00 31.24 ? 13  LYS A N     1 
ATOM   96  C CA    . LYS A 1 13 ? 2.533   -1.455  -9.866  1.00 31.67 ? 13  LYS A CA    1 
ATOM   97  C C     . LYS A 1 13 ? 1.748   -0.185  -10.224 1.00 31.76 ? 13  LYS A C     1 
ATOM   98  O O     . LYS A 1 13 ? 2.170   0.928   -9.893  1.00 31.45 ? 13  LYS A O     1 
ATOM   99  C CB    . LYS A 1 13 ? 3.398   -1.893  -11.050 1.00 31.77 ? 13  LYS A CB    1 
ATOM   100 C CG    . LYS A 1 13 ? 4.566   -2.794  -10.670 1.00 32.24 ? 13  LYS A CG    1 
ATOM   101 C CD    . LYS A 1 13 ? 5.331   -3.236  -11.903 1.00 33.21 ? 13  LYS A CD    1 
ATOM   102 C CE    . LYS A 1 13 ? 4.676   -4.447  -12.553 1.00 32.68 ? 13  LYS A CE    1 
ATOM   103 N NZ    . LYS A 1 13 ? 4.991   -4.516  -14.001 1.00 33.83 ? 13  LYS A NZ    1 
ATOM   104 N N     . ASN A 1 14 ? 0.611   -0.357  -10.899 1.00 31.83 ? 14  ASN A N     1 
ATOM   105 C CA    . ASN A 1 14 ? -0.259  0.772   -11.250 1.00 32.13 ? 14  ASN A CA    1 
ATOM   106 C C     . ASN A 1 14 ? -0.714  1.556   -10.020 1.00 32.10 ? 14  ASN A C     1 
ATOM   107 O O     . ASN A 1 14 ? -0.680  2.791   -10.010 1.00 31.97 ? 14  ASN A O     1 
ATOM   108 C CB    . ASN A 1 14 ? -1.475  0.298   -12.057 1.00 32.30 ? 14  ASN A CB    1 
ATOM   109 C CG    . ASN A 1 14 ? -1.162  0.106   -13.529 1.00 33.49 ? 14  ASN A CG    1 
ATOM   110 O OD1   . ASN A 1 14 ? -0.219  0.695   -14.055 1.00 35.75 ? 14  ASN A OD1   1 
ATOM   111 N ND2   . ASN A 1 14 ? -1.960  -0.716  -14.204 1.00 34.58 ? 14  ASN A ND2   1 
ATOM   112 N N     . ILE A 1 15 ? -1.119  0.827   -8.983  1.00 31.78 ? 15  ILE A N     1 
ATOM   113 C CA    . ILE A 1 15 ? -1.595  1.442   -7.745  1.00 31.63 ? 15  ILE A CA    1 
ATOM   114 C C     . ILE A 1 15 ? -0.444  2.065   -6.941  1.00 31.66 ? 15  ILE A C     1 
ATOM   115 O O     . ILE A 1 15 ? -0.587  3.162   -6.408  1.00 31.36 ? 15  ILE A O     1 
ATOM   116 C CB    . ILE A 1 15 ? -2.451  0.449   -6.920  1.00 31.52 ? 15  ILE A CB    1 
ATOM   117 C CG1   . ILE A 1 15 ? -3.825  0.305   -7.586  1.00 31.82 ? 15  ILE A CG1   1 
ATOM   118 C CG2   . ILE A 1 15 ? -2.626  0.924   -5.468  1.00 31.01 ? 15  ILE A CG2   1 
ATOM   119 C CD1   . ILE A 1 15 ? -4.472  -1.034  -7.395  1.00 30.52 ? 15  ILE A CD1   1 
ATOM   120 N N     . ALA A 1 16 ? 0.701   1.381   -6.889  1.00 31.87 ? 16  ALA A N     1 
ATOM   121 C CA    . ALA A 1 16 ? 1.900   1.925   -6.245  1.00 32.30 ? 16  ALA A CA    1 
ATOM   122 C C     . ALA A 1 16 ? 2.312   3.269   -6.854  1.00 32.43 ? 16  ALA A C     1 
ATOM   123 O O     . ALA A 1 16 ? 2.654   4.202   -6.127  1.00 32.76 ? 16  ALA A O     1 
ATOM   124 C CB    . ALA A 1 16 ? 3.050   0.933   -6.311  1.00 31.91 ? 16  ALA A CB    1 
ATOM   125 N N     . GLY A 1 17 ? 2.281   3.355   -8.184  1.00 32.68 ? 17  GLY A N     1 
ATOM   126 C CA    . GLY A 1 17 ? 2.540   4.607   -8.894  1.00 33.00 ? 17  GLY A CA    1 
ATOM   127 C C     . GLY A 1 17 ? 1.579   5.725   -8.534  1.00 33.31 ? 17  GLY A C     1 
ATOM   128 O O     . GLY A 1 17 ? 1.990   6.877   -8.344  1.00 33.35 ? 17  GLY A O     1 
ATOM   129 N N     . LEU A 1 18 ? 0.293   5.387   -8.444  1.00 33.57 ? 18  LEU A N     1 
ATOM   130 C CA    . LEU A 1 18 ? -0.734  6.351   -8.049  1.00 33.80 ? 18  LEU A CA    1 
ATOM   131 C C     . LEU A 1 18 ? -0.533  6.779   -6.595  1.00 33.73 ? 18  LEU A C     1 
ATOM   132 O O     . LEU A 1 18 ? -0.667  7.959   -6.269  1.00 33.43 ? 18  LEU A O     1 
ATOM   133 C CB    . LEU A 1 18 ? -2.147  5.779   -8.257  1.00 34.05 ? 18  LEU A CB    1 
ATOM   134 C CG    . LEU A 1 18 ? -2.634  5.346   -9.649  1.00 34.74 ? 18  LEU A CG    1 
ATOM   135 C CD1   . LEU A 1 18 ? -4.091  4.903   -9.587  1.00 35.34 ? 18  LEU A CD1   1 
ATOM   136 C CD2   . LEU A 1 18 ? -2.458  6.439   -10.714 1.00 35.27 ? 18  LEU A CD2   1 
ATOM   137 N N     . MET A 1 19 ? -0.201  5.814   -5.735  1.00 33.78 ? 19  MET A N     1 
ATOM   138 C CA    . MET A 1 19 ? 0.078   6.069   -4.320  1.00 34.18 ? 19  MET A CA    1 
ATOM   139 C C     . MET A 1 19 ? 1.212   7.066   -4.102  1.00 34.56 ? 19  MET A C     1 
ATOM   140 O O     . MET A 1 19 ? 1.054   8.016   -3.340  1.00 34.36 ? 19  MET A O     1 
ATOM   141 C CB    . MET A 1 19 ? 0.413   4.772   -3.591  1.00 34.40 ? 19  MET A CB    1 
ATOM   142 C CG    . MET A 1 19 ? -0.778  3.924   -3.229  1.00 34.29 ? 19  MET A CG    1 
ATOM   143 S SD    . MET A 1 19 ? -0.209  2.337   -2.619  1.00 36.56 ? 19  MET A SD    1 
ATOM   144 C CE    . MET A 1 19 ? -1.747  1.673   -2.026  1.00 34.72 ? 19  MET A CE    1 
ATOM   145 N N     . ALA A 1 20 ? 2.349   6.831   -4.760  1.00 34.95 ? 20  ALA A N     1 
ATOM   146 C CA    . ALA A 1 20 ? 3.520   7.708   -4.653  1.00 35.81 ? 20  ALA A CA    1 
ATOM   147 C C     . ALA A 1 20 ? 3.203   9.139   -5.073  1.00 36.19 ? 20  ALA A C     1 
ATOM   148 O O     . ALA A 1 20 ? 3.598   10.091  -4.398  1.00 36.75 ? 20  ALA A O     1 
ATOM   149 C CB    . ALA A 1 20 ? 4.680   7.151   -5.473  1.00 35.82 ? 20  ALA A CB    1 
ATOM   150 N N     . SER A 1 21 ? 2.476   9.276   -6.181  1.00 36.72 ? 21  SER A N     1 
ATOM   151 C CA    . SER A 1 21 ? 2.027   10.572  -6.686  1.00 37.32 ? 21  SER A CA    1 
ATOM   152 C C     . SER A 1 21 ? 1.128   11.295  -5.677  1.00 37.58 ? 21  SER A C     1 
ATOM   153 O O     . SER A 1 21 ? 1.361   12.460  -5.363  1.00 37.26 ? 21  SER A O     1 
ATOM   154 C CB    . SER A 1 21 ? 1.298   10.390  -8.021  1.00 37.32 ? 21  SER A CB    1 
ATOM   155 O OG    . SER A 1 21 ? 0.621   11.575  -8.408  1.00 38.32 ? 21  SER A OG    1 
ATOM   156 N N     . ARG A 1 22 ? 0.122   10.585  -5.165  1.00 37.81 ? 22  ARG A N     1 
ATOM   157 C CA    . ARG A 1 22 ? -0.843  11.145  -4.217  1.00 38.22 ? 22  ARG A CA    1 
ATOM   158 C C     . ARG A 1 22 ? -0.216  11.486  -2.864  1.00 38.19 ? 22  ARG A C     1 
ATOM   159 O O     . ARG A 1 22 ? -0.572  12.497  -2.249  1.00 37.93 ? 22  ARG A O     1 
ATOM   160 C CB    . ARG A 1 22 ? -2.032  10.192  -4.035  1.00 38.38 ? 22  ARG A CB    1 
ATOM   161 C CG    . ARG A 1 22 ? -3.141  10.724  -3.134  1.00 40.00 ? 22  ARG A CG    1 
ATOM   162 C CD    . ARG A 1 22 ? -4.417  9.910   -3.277  1.00 42.33 ? 22  ARG A CD    1 
ATOM   163 N NE    . ARG A 1 22 ? -5.384  10.220  -2.223  1.00 44.30 ? 22  ARG A NE    1 
ATOM   164 C CZ    . ARG A 1 22 ? -6.311  11.173  -2.305  1.00 45.69 ? 22  ARG A CZ    1 
ATOM   165 N NH1   . ARG A 1 22 ? -6.412  11.925  -3.395  1.00 46.17 ? 22  ARG A NH1   1 
ATOM   166 N NH2   . ARG A 1 22 ? -7.142  11.378  -1.289  1.00 46.25 ? 22  ARG A NH2   1 
ATOM   167 N N     . ALA A 1 23 ? 0.710   10.641  -2.409  1.00 38.18 ? 23  ALA A N     1 
ATOM   168 C CA    . ALA A 1 23 ? 1.407   10.838  -1.130  1.00 38.45 ? 23  ALA A CA    1 
ATOM   169 C C     . ALA A 1 23 ? 2.194   12.148  -1.070  1.00 38.56 ? 23  ALA A C     1 
ATOM   170 O O     . ALA A 1 23 ? 2.131   12.873  -0.072  1.00 38.38 ? 23  ALA A O     1 
ATOM   171 C CB    . ALA A 1 23 ? 2.327   9.655   -0.826  1.00 38.50 ? 23  ALA A CB    1 
ATOM   172 N N     . GLU A 1 24 ? 2.940   12.442  -2.130  1.00 38.67 ? 24  GLU A N     1 
ATOM   173 C CA    . GLU A 1 24 ? 3.749   13.657  -2.172  1.00 38.98 ? 24  GLU A CA    1 
ATOM   174 C C     . GLU A 1 24 ? 2.889   14.890  -2.461  1.00 38.73 ? 24  GLU A C     1 
ATOM   175 O O     . GLU A 1 24 ? 3.133   15.965  -1.916  1.00 38.54 ? 24  GLU A O     1 
ATOM   176 C CB    . GLU A 1 24 ? 4.896   13.523  -3.181  1.00 39.32 ? 24  GLU A CB    1 
ATOM   177 C CG    . GLU A 1 24 ? 5.859   12.341  -2.924  1.00 40.86 ? 24  GLU A CG    1 
ATOM   178 C CD    . GLU A 1 24 ? 6.612   12.428  -1.595  1.00 42.58 ? 24  GLU A CD    1 
ATOM   179 O OE1   . GLU A 1 24 ? 7.769   12.905  -1.595  1.00 42.99 ? 24  GLU A OE1   1 
ATOM   180 O OE2   . GLU A 1 24 ? 6.048   12.011  -0.556  1.00 43.70 ? 24  GLU A OE2   1 
ATOM   181 N N     . LYS A 1 25 ? 1.869   14.708  -3.300  1.00 38.55 ? 25  LYS A N     1 
ATOM   182 C CA    . LYS A 1 25 ? 0.926   15.766  -3.662  1.00 38.57 ? 25  LYS A CA    1 
ATOM   183 C C     . LYS A 1 25 ? 0.066   16.221  -2.475  1.00 38.19 ? 25  LYS A C     1 
ATOM   184 O O     . LYS A 1 25 ? -0.127  17.421  -2.268  1.00 38.00 ? 25  LYS A O     1 
ATOM   185 C CB    . LYS A 1 25 ? 0.054   15.293  -4.833  1.00 38.78 ? 25  LYS A CB    1 
ATOM   186 C CG    . LYS A 1 25 ? -1.049  16.247  -5.279  1.00 39.95 ? 25  LYS A CG    1 
ATOM   187 C CD    . LYS A 1 25 ? -1.491  15.980  -6.727  1.00 41.92 ? 25  LYS A CD    1 
ATOM   188 C CE    . LYS A 1 25 ? -1.689  14.489  -7.042  1.00 42.64 ? 25  LYS A CE    1 
ATOM   189 N NZ    . LYS A 1 25 ? -2.741  13.820  -6.208  1.00 44.14 ? 25  LYS A NZ    1 
ATOM   190 N N     . GLU A 1 26 ? -0.438  15.262  -1.701  1.00 37.74 ? 26  GLU A N     1 
ATOM   191 C CA    . GLU A 1 26 ? -1.260  15.561  -0.524  1.00 37.40 ? 26  GLU A CA    1 
ATOM   192 C C     . GLU A 1 26 ? -0.432  15.664  0.759   1.00 36.72 ? 26  GLU A C     1 
ATOM   193 O O     . GLU A 1 26 ? -0.973  15.921  1.842   1.00 36.62 ? 26  GLU A O     1 
ATOM   194 C CB    . GLU A 1 26 ? -2.382  14.525  -0.362  1.00 37.60 ? 26  GLU A CB    1 
ATOM   195 C CG    . GLU A 1 26 ? -3.428  14.525  -1.482  1.00 38.70 ? 26  GLU A CG    1 
ATOM   196 C CD    . GLU A 1 26 ? -4.033  15.901  -1.750  1.00 41.13 ? 26  GLU A CD    1 
ATOM   197 O OE1   . GLU A 1 26 ? -4.373  16.628  -0.784  1.00 42.49 ? 26  GLU A OE1   1 
ATOM   198 O OE2   . GLU A 1 26 ? -4.173  16.254  -2.942  1.00 42.01 ? 26  GLU A OE2   1 
ATOM   199 N N     . GLN A 1 27 ? 0.878   15.466  0.620   1.00 35.92 ? 27  GLN A N     1 
ATOM   200 C CA    . GLN A 1 27 ? 1.835   15.503  1.731   1.00 35.24 ? 27  GLN A CA    1 
ATOM   201 C C     . GLN A 1 27 ? 1.455   14.565  2.879   1.00 34.56 ? 27  GLN A C     1 
ATOM   202 O O     . GLN A 1 27 ? 1.528   14.931  4.054   1.00 34.52 ? 27  GLN A O     1 
ATOM   203 C CB    . GLN A 1 27 ? 2.059   16.938  2.215   1.00 35.54 ? 27  GLN A CB    1 
ATOM   204 C CG    . GLN A 1 27 ? 2.587   17.853  1.124   1.00 36.07 ? 27  GLN A CG    1 
ATOM   205 C CD    . GLN A 1 27 ? 3.377   19.015  1.669   1.00 37.23 ? 27  GLN A CD    1 
ATOM   206 O OE1   . GLN A 1 27 ? 2.994   20.170  1.497   1.00 37.28 ? 27  GLN A OE1   1 
ATOM   207 N NE2   . GLN A 1 27 ? 4.492   18.717  2.332   1.00 38.16 ? 27  GLN A NE2   1 
ATOM   208 N N     . LEU A 1 28 ? 1.047   13.350  2.515   1.00 33.67 ? 28  LEU A N     1 
ATOM   209 C CA    . LEU A 1 28 ? 0.701   12.320  3.484   1.00 32.78 ? 28  LEU A CA    1 
ATOM   210 C C     . LEU A 1 28 ? 1.973   11.753  4.098   1.00 32.04 ? 28  LEU A C     1 
ATOM   211 O O     . LEU A 1 28 ? 3.030   11.758  3.463   1.00 31.87 ? 28  LEU A O     1 
ATOM   212 C CB    . LEU A 1 28 ? -0.113  11.210  2.817   1.00 32.91 ? 28  LEU A CB    1 
ATOM   213 C CG    . LEU A 1 28 ? -1.454  11.599  2.181   1.00 33.18 ? 28  LEU A CG    1 
ATOM   214 C CD1   . LEU A 1 28 ? -2.063  10.390  1.500   1.00 32.89 ? 28  LEU A CD1   1 
ATOM   215 C CD2   . LEU A 1 28 ? -2.423  12.184  3.209   1.00 32.95 ? 28  LEU A CD2   1 
ATOM   216 N N     . ASP A 1 29 ? 1.867   11.268  5.330   1.00 31.04 ? 29  ASP A N     1 
ATOM   217 C CA    . ASP A 1 29 ? 3.014   10.700  6.031   1.00 30.16 ? 29  ASP A CA    1 
ATOM   218 C C     . ASP A 1 29 ? 3.215   9.238   5.637   1.00 29.68 ? 29  ASP A C     1 
ATOM   219 O O     . ASP A 1 29 ? 3.113   8.332   6.462   1.00 29.12 ? 29  ASP A O     1 
ATOM   220 C CB    . ASP A 1 29 ? 2.862   10.871  7.547   1.00 30.20 ? 29  ASP A CB    1 
ATOM   221 C CG    . ASP A 1 29 ? 2.909   12.330  7.979   1.00 30.30 ? 29  ASP A CG    1 
ATOM   222 O OD1   . ASP A 1 29 ? 3.706   13.106  7.402   1.00 29.43 ? 29  ASP A OD1   1 
ATOM   223 O OD2   . ASP A 1 29 ? 2.154   12.698  8.902   1.00 29.83 ? 29  ASP A OD2   1 
ATOM   224 N N     . VAL A 1 30 ? 3.488   9.039   4.349   1.00 29.16 ? 30  VAL A N     1 
ATOM   225 C CA    . VAL A 1 30 ? 3.720   7.721   3.764   1.00 28.94 ? 30  VAL A CA    1 
ATOM   226 C C     . VAL A 1 30 ? 5.208   7.641   3.458   1.00 28.09 ? 30  VAL A C     1 
ATOM   227 O O     . VAL A 1 30 ? 5.728   8.462   2.708   1.00 28.15 ? 30  VAL A O     1 
ATOM   228 C CB    . VAL A 1 30 ? 2.866   7.522   2.489   1.00 28.75 ? 30  VAL A CB    1 
ATOM   229 C CG1   . VAL A 1 30 ? 3.266   6.253   1.745   1.00 29.60 ? 30  VAL A CG1   1 
ATOM   230 C CG2   . VAL A 1 30 ? 1.380   7.486   2.845   1.00 29.81 ? 30  VAL A CG2   1 
ATOM   231 N N     . TYR A 1 31 ? 5.886   6.660   4.048   1.00 27.46 ? 31  TYR A N     1 
ATOM   232 C CA    . TYR A 1 31 ? 7.359   6.626   4.044   1.00 26.86 ? 31  TYR A CA    1 
ATOM   233 C C     . TYR A 1 31 ? 7.968   5.664   3.039   1.00 26.47 ? 31  TYR A C     1 
ATOM   234 O O     . TYR A 1 31 ? 9.041   5.935   2.481   1.00 25.92 ? 31  TYR A O     1 
ATOM   235 C CB    . TYR A 1 31 ? 7.902   6.328   5.449   1.00 26.89 ? 31  TYR A CB    1 
ATOM   236 C CG    . TYR A 1 31 ? 7.343   7.228   6.535   1.00 26.97 ? 31  TYR A CG    1 
ATOM   237 C CD1   . TYR A 1 31 ? 7.342   8.613   6.386   1.00 26.50 ? 31  TYR A CD1   1 
ATOM   238 C CD2   . TYR A 1 31 ? 6.828   6.693   7.718   1.00 26.76 ? 31  TYR A CD2   1 
ATOM   239 C CE1   . TYR A 1 31 ? 6.829   9.445   7.375   1.00 27.33 ? 31  TYR A CE1   1 
ATOM   240 C CE2   . TYR A 1 31 ? 6.315   7.520   8.718   1.00 27.47 ? 31  TYR A CE2   1 
ATOM   241 C CZ    . TYR A 1 31 ? 6.325   8.899   8.535   1.00 27.36 ? 31  TYR A CZ    1 
ATOM   242 O OH    . TYR A 1 31 ? 5.830   9.735   9.505   1.00 27.78 ? 31  TYR A OH    1 
ATOM   243 N N     . SER A 1 32 ? 7.292   4.535   2.827   1.00 25.95 ? 32  SER A N     1 
ATOM   244 C CA    . SER A 1 32 ? 7.782   3.492   1.938   1.00 25.94 ? 32  SER A CA    1 
ATOM   245 C C     . SER A 1 32 ? 6.643   2.861   1.142   1.00 25.74 ? 32  SER A C     1 
ATOM   246 O O     . SER A 1 32 ? 5.514   2.776   1.622   1.00 25.69 ? 32  SER A O     1 
ATOM   247 C CB    . SER A 1 32 ? 8.520   2.402   2.726   1.00 25.43 ? 32  SER A CB    1 
ATOM   248 O OG    . SER A 1 32 ? 9.450   2.957   3.638   1.00 26.14 ? 32  SER A OG    1 
ATOM   249 N N     . ILE A 1 33 ? 6.949   2.432   -0.078  1.00 26.11 ? 33  ILE A N     1 
ATOM   250 C CA    . ILE A 1 33 ? 5.992   1.715   -0.921  1.00 26.88 ? 33  ILE A CA    1 
ATOM   251 C C     . ILE A 1 33 ? 6.716   0.559   -1.608  1.00 26.98 ? 33  ILE A C     1 
ATOM   252 O O     . ILE A 1 33 ? 7.787   0.758   -2.187  1.00 27.21 ? 33  ILE A O     1 
ATOM   253 C CB    . ILE A 1 33 ? 5.336   2.634   -1.995  1.00 26.86 ? 33  ILE A CB    1 
ATOM   254 C CG1   . ILE A 1 33 ? 4.582   3.798   -1.338  1.00 28.45 ? 33  ILE A CG1   1 
ATOM   255 C CG2   . ILE A 1 33 ? 4.377   1.827   -2.893  1.00 26.56 ? 33  ILE A CG2   1 
ATOM   256 C CD1   . ILE A 1 33 ? 4.205   4.918   -2.293  1.00 29.15 ? 33  ILE A CD1   1 
ATOM   257 N N     . LEU A 1 34 ? 6.133   -0.638  -1.518  1.00 27.11 ? 34  LEU A N     1 
ATOM   258 C CA    . LEU A 1 34 ? 6.622   -1.814  -2.247  1.00 26.85 ? 34  LEU A CA    1 
ATOM   259 C C     . LEU A 1 34 ? 5.529   -2.454  -3.099  1.00 26.86 ? 34  LEU A C     1 
ATOM   260 O O     . LEU A 1 34 ? 4.471   -2.846  -2.591  1.00 26.38 ? 34  LEU A O     1 
ATOM   261 C CB    . LEU A 1 34 ? 7.207   -2.865  -1.293  1.00 27.14 ? 34  LEU A CB    1 
ATOM   262 C CG    . LEU A 1 34 ? 7.567   -4.231  -1.907  1.00 28.08 ? 34  LEU A CG    1 
ATOM   263 C CD1   . LEU A 1 34 ? 8.814   -4.150  -2.762  1.00 28.02 ? 34  LEU A CD1   1 
ATOM   264 C CD2   . LEU A 1 34 ? 7.718   -5.312  -0.842  1.00 30.07 ? 34  LEU A CD2   1 
ATOM   265 N N     . ALA A 1 35 ? 5.798   -2.563  -4.397  1.00 26.75 ? 35  ALA A N     1 
ATOM   266 C CA    . ALA A 1 35 ? 4.946   -3.334  -5.299  1.00 27.04 ? 35  ALA A CA    1 
ATOM   267 C C     . ALA A 1 35 ? 5.792   -4.394  -5.994  1.00 26.97 ? 35  ALA A C     1 
ATOM   268 O O     . ALA A 1 35 ? 6.931   -4.130  -6.386  1.00 26.47 ? 35  ALA A O     1 
ATOM   269 C CB    . ALA A 1 35 ? 4.279   -2.429  -6.319  1.00 27.08 ? 35  ALA A CB    1 
ATOM   270 N N     . SER A 1 36 ? 5.231   -5.591  -6.133  1.00 27.22 ? 36  SER A N     1 
ATOM   271 C CA    . SER A 1 36 ? 5.928   -6.706  -6.766  1.00 27.75 ? 36  SER A CA    1 
ATOM   272 C C     . SER A 1 36 ? 4.947   -7.691  -7.388  1.00 28.30 ? 36  SER A C     1 
ATOM   273 O O     . SER A 1 36 ? 3.955   -8.077  -6.760  1.00 27.81 ? 36  SER A O     1 
ATOM   274 C CB    . SER A 1 36 ? 6.806   -7.439  -5.747  1.00 27.79 ? 36  SER A CB    1 
ATOM   275 O OG    . SER A 1 36 ? 7.448   -8.555  -6.347  1.00 27.96 ? 36  SER A OG    1 
ATOM   276 N N     . GLU A 1 37 ? 5.242   -8.111  -8.617  1.00 29.11 ? 37  GLU A N     1 
ATOM   277 C CA    . GLU A 1 37 ? 4.460   -9.156  -9.281  1.00 30.28 ? 37  GLU A CA    1 
ATOM   278 C C     . GLU A 1 37 ? 4.494   -10.464 -8.492  1.00 30.75 ? 37  GLU A C     1 
ATOM   279 O O     . GLU A 1 37 ? 3.585   -11.278 -8.604  1.00 31.54 ? 37  GLU A O     1 
ATOM   280 C CB    . GLU A 1 37 ? 4.955   -9.390  -10.711 1.00 30.31 ? 37  GLU A CB    1 
ATOM   281 C CG    . GLU A 1 37 ? 4.627   -8.255  -11.661 1.00 30.75 ? 37  GLU A CG    1 
ATOM   282 C CD    . GLU A 1 37 ? 4.997   -8.562  -13.099 1.00 31.50 ? 37  GLU A CD    1 
ATOM   283 O OE1   . GLU A 1 37 ? 5.301   -9.734  -13.419 1.00 31.02 ? 37  GLU A OE1   1 
ATOM   284 O OE2   . GLU A 1 37 ? 4.988   -7.615  -13.911 1.00 32.09 ? 37  GLU A OE2   1 
ATOM   285 N N     . SER A 1 38 ? 5.547   -10.651 -7.699  1.00 31.30 ? 38  SER A N     1 
ATOM   286 C CA    . SER A 1 38 ? 5.682   -11.807 -6.815  1.00 31.71 ? 38  SER A CA    1 
ATOM   287 C C     . SER A 1 38 ? 4.707   -11.759 -5.634  1.00 31.60 ? 38  SER A C     1 
ATOM   288 O O     . SER A 1 38 ? 4.394   -12.790 -5.035  1.00 31.77 ? 38  SER A O     1 
ATOM   289 C CB    . SER A 1 38 ? 7.115   -11.910 -6.299  1.00 31.72 ? 38  SER A CB    1 
ATOM   290 O OG    . SER A 1 38 ? 8.006   -12.177 -7.368  1.00 33.05 ? 38  SER A OG    1 
ATOM   291 N N     . LEU A 1 39 ? 4.244   -10.560 -5.294  1.00 31.22 ? 39  LEU A N     1 
ATOM   292 C CA    . LEU A 1 39 ? 3.236   -10.400 -4.262  1.00 31.16 ? 39  LEU A CA    1 
ATOM   293 C C     . LEU A 1 39 ? 1.902   -9.985  -4.887  1.00 30.89 ? 39  LEU A C     1 
ATOM   294 O O     . LEU A 1 39 ? 1.600   -8.801  -5.047  1.00 30.51 ? 39  LEU A O     1 
ATOM   295 C CB    . LEU A 1 39 ? 3.707   -9.418  -3.184  1.00 31.34 ? 39  LEU A CB    1 
ATOM   296 C CG    . LEU A 1 39 ? 2.798   -9.181  -1.973  1.00 32.08 ? 39  LEU A CG    1 
ATOM   297 C CD1   . LEU A 1 39 ? 2.488   -10.478 -1.203  1.00 31.82 ? 39  LEU A CD1   1 
ATOM   298 C CD2   . LEU A 1 39 ? 3.419   -8.142  -1.061  1.00 32.29 ? 39  LEU A CD2   1 
ATOM   299 N N     . LYS A 1 40 ? 1.116   -10.999 -5.237  1.00 30.76 ? 40  LYS A N     1 
ATOM   300 C CA    . LYS A 1 40 ? -0.137  -10.839 -5.964  1.00 30.83 ? 40  LYS A CA    1 
ATOM   301 C C     . LYS A 1 40 ? -1.221  -10.197 -5.116  1.00 30.47 ? 40  LYS A C     1 
ATOM   302 O O     . LYS A 1 40 ? -1.530  -10.677 -4.022  1.00 30.56 ? 40  LYS A O     1 
ATOM   303 C CB    . LYS A 1 40 ? -0.632  -12.205 -6.456  1.00 31.09 ? 40  LYS A CB    1 
ATOM   304 C CG    . LYS A 1 40 ? 0.330   -12.922 -7.390  1.00 32.82 ? 40  LYS A CG    1 
ATOM   305 C CD    . LYS A 1 40 ? -0.103  -12.795 -8.845  1.00 35.88 ? 40  LYS A CD    1 
ATOM   306 C CE    . LYS A 1 40 ? 1.071   -12.947 -9.808  1.00 37.88 ? 40  LYS A CE    1 
ATOM   307 N NZ    . LYS A 1 40 ? 2.052   -13.991 -9.380  1.00 39.50 ? 40  LYS A NZ    1 
ATOM   308 N N     . GLY A 1 41 ? -1.790  -9.110  -5.631  1.00 30.34 ? 41  GLY A N     1 
ATOM   309 C CA    . GLY A 1 41 ? -2.952  -8.456  -5.018  1.00 29.69 ? 41  GLY A CA    1 
ATOM   310 C C     . GLY A 1 41 ? -2.687  -7.649  -3.761  1.00 29.46 ? 41  GLY A C     1 
ATOM   311 O O     . GLY A 1 41 ? -3.611  -7.370  -2.989  1.00 29.09 ? 41  GLY A O     1 
ATOM   312 N N     . TYR A 1 42 ? -1.429  -7.274  -3.539  1.00 29.13 ? 42  TYR A N     1 
ATOM   313 C CA    . TYR A 1 42 ? -1.076  -6.450  -2.381  1.00 29.14 ? 42  TYR A CA    1 
ATOM   314 C C     . TYR A 1 42 ? -0.009  -5.433  -2.726  1.00 29.24 ? 42  TYR A C     1 
ATOM   315 O O     . TYR A 1 42 ? 0.894   -5.721  -3.514  1.00 29.60 ? 42  TYR A O     1 
ATOM   316 C CB    . TYR A 1 42 ? -0.596  -7.305  -1.199  1.00 29.07 ? 42  TYR A CB    1 
ATOM   317 C CG    . TYR A 1 42 ? -1.659  -8.204  -0.624  1.00 29.31 ? 42  TYR A CG    1 
ATOM   318 C CD1   . TYR A 1 42 ? -1.722  -9.550  -0.983  1.00 29.20 ? 42  TYR A CD1   1 
ATOM   319 C CD2   . TYR A 1 42 ? -2.616  -7.709  0.260   1.00 29.65 ? 42  TYR A CD2   1 
ATOM   320 C CE1   . TYR A 1 42 ? -2.701  -10.382 -0.473  1.00 29.93 ? 42  TYR A CE1   1 
ATOM   321 C CE2   . TYR A 1 42 ? -3.600  -8.537  0.779   1.00 30.60 ? 42  TYR A CE2   1 
ATOM   322 C CZ    . TYR A 1 42 ? -3.636  -9.869  0.409   1.00 30.03 ? 42  TYR A CZ    1 
ATOM   323 O OH    . TYR A 1 42 ? -4.611  -10.698 0.907   1.00 31.19 ? 42  TYR A OH    1 
ATOM   324 N N     . VAL A 1 43 ? -0.142  -4.243  -2.146  1.00 28.62 ? 43  VAL A N     1 
ATOM   325 C CA    . VAL A 1 43 ? 0.907   -3.229  -2.145  1.00 28.77 ? 43  VAL A CA    1 
ATOM   326 C C     . VAL A 1 43 ? 1.227   -2.954  -0.678  1.00 28.45 ? 43  VAL A C     1 
ATOM   327 O O     . VAL A 1 43 ? 0.322   -2.734  0.141   1.00 28.05 ? 43  VAL A O     1 
ATOM   328 C CB    . VAL A 1 43 ? 0.482   -1.915  -2.860  1.00 28.91 ? 43  VAL A CB    1 
ATOM   329 C CG1   . VAL A 1 43 ? 1.585   -0.839  -2.752  1.00 29.61 ? 43  VAL A CG1   1 
ATOM   330 C CG2   . VAL A 1 43 ? 0.171   -2.165  -4.327  1.00 29.60 ? 43  VAL A CG2   1 
ATOM   331 N N     . LEU A 1 44 ? 2.508   -2.998  -0.343  1.00 27.85 ? 44  LEU A N     1 
ATOM   332 C CA    . LEU A 1 44 ? 2.936   -2.741  1.028   1.00 27.84 ? 44  LEU A CA    1 
ATOM   333 C C     . LEU A 1 44 ? 3.301   -1.281  1.184   1.00 27.58 ? 44  LEU A C     1 
ATOM   334 O O     . LEU A 1 44 ? 4.029   -0.720  0.356   1.00 27.19 ? 44  LEU A O     1 
ATOM   335 C CB    . LEU A 1 44 ? 4.106   -3.657  1.426   1.00 27.35 ? 44  LEU A CB    1 
ATOM   336 C CG    . LEU A 1 44 ? 3.848   -5.170  1.348   1.00 28.24 ? 44  LEU A CG    1 
ATOM   337 C CD1   . LEU A 1 44 ? 5.049   -5.960  1.853   1.00 28.59 ? 44  LEU A CD1   1 
ATOM   338 C CD2   . LEU A 1 44 ? 2.585   -5.583  2.111   1.00 28.19 ? 44  LEU A CD2   1 
ATOM   339 N N     . VAL A 1 45 ? 2.771   -0.673  2.246   1.00 27.46 ? 45  VAL A N     1 
ATOM   340 C CA    . VAL A 1 45 ? 2.930   0.753   2.496   1.00 27.76 ? 45  VAL A CA    1 
ATOM   341 C C     . VAL A 1 45 ? 3.378   0.978   3.934   1.00 27.50 ? 45  VAL A C     1 
ATOM   342 O O     . VAL A 1 45 ? 2.705   0.545   4.874   1.00 27.50 ? 45  VAL A O     1 
ATOM   343 C CB    . VAL A 1 45 ? 1.604   1.525   2.248   1.00 27.86 ? 45  VAL A CB    1 
ATOM   344 C CG1   . VAL A 1 45 ? 1.771   3.018   2.547   1.00 28.15 ? 45  VAL A CG1   1 
ATOM   345 C CG2   . VAL A 1 45 ? 1.116   1.328   0.821   1.00 28.37 ? 45  VAL A CG2   1 
ATOM   346 N N     . GLU A 1 46 ? 4.520   1.638   4.101   1.00 27.26 ? 46  GLU A N     1 
ATOM   347 C CA    . GLU A 1 46 ? 4.913   2.122   5.416   1.00 27.52 ? 46  GLU A CA    1 
ATOM   348 C C     . GLU A 1 46 ? 4.362   3.530   5.608   1.00 27.80 ? 46  GLU A C     1 
ATOM   349 O O     . GLU A 1 46 ? 4.575   4.413   4.769   1.00 27.55 ? 46  GLU A O     1 
ATOM   350 C CB    . GLU A 1 46 ? 6.431   2.110   5.599   1.00 27.20 ? 46  GLU A CB    1 
ATOM   351 C CG    . GLU A 1 46 ? 6.847   2.375   7.047   1.00 28.51 ? 46  GLU A CG    1 
ATOM   352 C CD    . GLU A 1 46 ? 8.305   2.751   7.216   1.00 30.61 ? 46  GLU A CD    1 
ATOM   353 O OE1   . GLU A 1 46 ? 9.044   2.862   6.207   1.00 31.00 ? 46  GLU A OE1   1 
ATOM   354 O OE2   . GLU A 1 46 ? 8.713   2.936   8.380   1.00 30.98 ? 46  GLU A OE2   1 
ATOM   355 N N     . ALA A 1 47 ? 3.640   3.725   6.710   1.00 28.08 ? 47  ALA A N     1 
ATOM   356 C CA    . ALA A 1 47 ? 3.023   5.011   7.007   1.00 28.59 ? 47  ALA A CA    1 
ATOM   357 C C     . ALA A 1 47 ? 2.979   5.259   8.507   1.00 28.99 ? 47  ALA A C     1 
ATOM   358 O O     . ALA A 1 47 ? 3.105   4.325   9.309   1.00 29.15 ? 47  ALA A O     1 
ATOM   359 C CB    . ALA A 1 47 ? 1.624   5.084   6.405   1.00 28.56 ? 47  ALA A CB    1 
ATOM   360 N N     . GLU A 1 48 ? 2.809   6.525   8.879   1.00 29.40 ? 48  GLU A N     1 
ATOM   361 C CA    . GLU A 1 48 ? 2.759   6.913   10.281  1.00 30.02 ? 48  GLU A CA    1 
ATOM   362 C C     . GLU A 1 48 ? 1.519   6.346   10.972  1.00 30.23 ? 48  GLU A C     1 
ATOM   363 O O     . GLU A 1 48 ? 1.612   5.770   12.060  1.00 30.19 ? 48  GLU A O     1 
ATOM   364 C CB    . GLU A 1 48 ? 2.801   8.442   10.409  1.00 30.18 ? 48  GLU A CB    1 
ATOM   365 C CG    . GLU A 1 48 ? 2.993   8.971   11.833  1.00 30.92 ? 48  GLU A CG    1 
ATOM   366 C CD    . GLU A 1 48 ? 4.327   8.585   12.453  1.00 32.55 ? 48  GLU A CD    1 
ATOM   367 O OE1   . GLU A 1 48 ? 5.342   8.501   11.726  1.00 32.65 ? 48  GLU A OE1   1 
ATOM   368 O OE2   . GLU A 1 48 ? 4.359   8.376   13.684  1.00 33.60 ? 48  GLU A OE2   1 
ATOM   369 N N     . THR A 1 49 ? 0.367   6.516   10.328  1.00 30.51 ? 49  THR A N     1 
ATOM   370 C CA    . THR A 1 49 ? -0.912  6.075   10.876  1.00 30.76 ? 49  THR A CA    1 
ATOM   371 C C     . THR A 1 49 ? -1.700  5.318   9.819   1.00 30.91 ? 49  THR A C     1 
ATOM   372 O O     . THR A 1 49 ? -1.406  5.419   8.620   1.00 30.93 ? 49  THR A O     1 
ATOM   373 C CB    . THR A 1 49 ? -1.780  7.270   11.364  1.00 30.88 ? 49  THR A CB    1 
ATOM   374 O OG1   . THR A 1 49 ? -2.104  8.118   10.255  1.00 30.53 ? 49  THR A OG1   1 
ATOM   375 C CG2   . THR A 1 49 ? -1.057  8.090   12.445  1.00 31.09 ? 49  THR A CG2   1 
ATOM   376 N N     . LYS A 1 50 ? -2.712  4.576   10.262  1.00 31.23 ? 50  LYS A N     1 
ATOM   377 C CA    . LYS A 1 50 ? -3.644  3.929   9.347   1.00 31.32 ? 50  LYS A CA    1 
ATOM   378 C C     . LYS A 1 50 ? -4.432  4.974   8.558   1.00 31.47 ? 50  LYS A C     1 
ATOM   379 O O     . LYS A 1 50 ? -4.737  4.769   7.377   1.00 31.40 ? 50  LYS A O     1 
ATOM   380 C CB    . LYS A 1 50 ? -4.596  2.995   10.098  1.00 31.69 ? 50  LYS A CB    1 
ATOM   381 C CG    . LYS A 1 50 ? -5.360  2.051   9.171   1.00 32.43 ? 50  LYS A CG    1 
ATOM   382 C CD    . LYS A 1 50 ? -6.184  1.041   9.941   1.00 34.87 ? 50  LYS A CD    1 
ATOM   383 C CE    . LYS A 1 50 ? -6.921  0.120   8.980   1.00 35.03 ? 50  LYS A CE    1 
ATOM   384 N NZ    . LYS A 1 50 ? -7.267  -1.181  9.627   1.00 35.80 ? 50  LYS A NZ    1 
ATOM   385 N N     . GLY A 1 51 ? -4.741  6.094   9.216   1.00 31.14 ? 51  GLY A N     1 
ATOM   386 C CA    . GLY A 1 51 ? -5.421  7.225   8.584   1.00 31.12 ? 51  GLY A CA    1 
ATOM   387 C C     . GLY A 1 51 ? -4.745  7.712   7.314   1.00 31.15 ? 51  GLY A C     1 
ATOM   388 O O     . GLY A 1 51 ? -5.421  7.976   6.308   1.00 31.17 ? 51  GLY A O     1 
ATOM   389 N N     . ASP A 1 52 ? -3.416  7.826   7.361   1.00 30.72 ? 52  ASP A N     1 
ATOM   390 C CA    . ASP A 1 52 ? -2.609  8.190   6.196   1.00 30.81 ? 52  ASP A CA    1 
ATOM   391 C C     . ASP A 1 52 ? -2.886  7.274   5.008   1.00 30.78 ? 52  ASP A C     1 
ATOM   392 O O     . ASP A 1 52 ? -3.081  7.744   3.887   1.00 30.66 ? 52  ASP A O     1 
ATOM   393 C CB    . ASP A 1 52 ? -1.115  8.154   6.536   1.00 30.87 ? 52  ASP A CB    1 
ATOM   394 C CG    . ASP A 1 52 ? -0.671  9.336   7.376   1.00 31.48 ? 52  ASP A CG    1 
ATOM   395 O OD1   . ASP A 1 52 ? -0.687  10.483  6.869   1.00 32.53 ? 52  ASP A OD1   1 
ATOM   396 O OD2   . ASP A 1 52 ? -0.281  9.115   8.542   1.00 32.19 ? 52  ASP A OD2   1 
ATOM   397 N N     . VAL A 1 53 ? -2.915  5.966   5.265   1.00 31.02 ? 53  VAL A N     1 
ATOM   398 C CA    . VAL A 1 53 ? -3.146  4.973   4.215   1.00 31.12 ? 53  VAL A CA    1 
ATOM   399 C C     . VAL A 1 53 ? -4.597  4.993   3.728   1.00 31.35 ? 53  VAL A C     1 
ATOM   400 O O     . VAL A 1 53 ? -4.843  4.842   2.531   1.00 31.53 ? 53  VAL A O     1 
ATOM   401 C CB    . VAL A 1 53 ? -2.715  3.546   4.649   1.00 30.93 ? 53  VAL A CB    1 
ATOM   402 C CG1   . VAL A 1 53 ? -2.873  2.560   3.510   1.00 30.71 ? 53  VAL A CG1   1 
ATOM   403 C CG2   . VAL A 1 53 ? -1.270  3.545   5.107   1.00 30.99 ? 53  VAL A CG2   1 
ATOM   404 N N     . GLU A 1 54 ? -5.544  5.192   4.648   1.00 31.57 ? 54  GLU A N     1 
ATOM   405 C CA    A GLU A 1 54 ? -6.960  5.307   4.291   0.70 31.98 ? 54  GLU A CA    1 
ATOM   406 C CA    B GLU A 1 54 ? -6.958  5.305   4.287   0.30 31.68 ? 54  GLU A CA    1 
ATOM   407 C C     . GLU A 1 54 ? -7.186  6.479   3.339   1.00 31.96 ? 54  GLU A C     1 
ATOM   408 O O     . GLU A 1 54 ? -7.969  6.379   2.387   1.00 31.79 ? 54  GLU A O     1 
ATOM   409 C CB    A GLU A 1 54 ? -7.833  5.464   5.540   0.70 32.22 ? 54  GLU A CB    1 
ATOM   410 C CB    B GLU A 1 54 ? -7.839  5.453   5.533   0.30 31.67 ? 54  GLU A CB    1 
ATOM   411 C CG    A GLU A 1 54 ? -7.902  4.219   6.417   0.70 33.15 ? 54  GLU A CG    1 
ATOM   412 C CG    B GLU A 1 54 ? -7.952  4.194   6.392   0.30 31.26 ? 54  GLU A CG    1 
ATOM   413 C CD    A GLU A 1 54 ? -8.750  4.419   7.664   0.70 35.02 ? 54  GLU A CD    1 
ATOM   414 C CD    B GLU A 1 54 ? -8.951  3.168   5.860   0.30 30.88 ? 54  GLU A CD    1 
ATOM   415 O OE1   A GLU A 1 54 ? -8.549  5.425   8.378   0.70 35.92 ? 54  GLU A OE1   1 
ATOM   416 O OE1   B GLU A 1 54 ? -9.388  3.272   4.693   0.30 30.23 ? 54  GLU A OE1   1 
ATOM   417 O OE2   A GLU A 1 54 ? -9.616  3.560   7.936   0.70 36.37 ? 54  GLU A OE2   1 
ATOM   418 O OE2   B GLU A 1 54 ? -9.299  2.244   6.625   0.30 30.96 ? 54  GLU A OE2   1 
ATOM   419 N N     . GLU A 1 55 ? -6.497  7.588   3.604   1.00 32.07 ? 55  GLU A N     1 
ATOM   420 C CA    . GLU A 1 55 ? -6.567  8.762   2.743   1.00 32.69 ? 55  GLU A CA    1 
ATOM   421 C C     . GLU A 1 55 ? -5.822  8.526   1.432   1.00 32.54 ? 55  GLU A C     1 
ATOM   422 O O     . GLU A 1 55 ? -6.260  8.979   0.373   1.00 32.45 ? 55  GLU A O     1 
ATOM   423 C CB    . GLU A 1 55 ? -6.004  9.994   3.457   1.00 32.75 ? 55  GLU A CB    1 
ATOM   424 C CG    . GLU A 1 55 ? -6.395  11.303  2.795   1.00 34.55 ? 55  GLU A CG    1 
ATOM   425 C CD    . GLU A 1 55 ? -7.893  11.416  2.564   1.00 36.15 ? 55  GLU A CD    1 
ATOM   426 O OE1   . GLU A 1 55 ? -8.310  11.414  1.385   1.00 36.98 ? 55  GLU A OE1   1 
ATOM   427 O OE2   . GLU A 1 55 ? -8.652  11.505  3.556   1.00 37.42 ? 55  GLU A OE2   1 
ATOM   428 N N     . LEU A 1 56 ? -4.700  7.811   1.523   1.00 32.63 ? 56  LEU A N     1 
ATOM   429 C CA    . LEU A 1 56 ? -3.880  7.472   0.364   1.00 32.87 ? 56  LEU A CA    1 
ATOM   430 C C     . LEU A 1 56 ? -4.672  6.703   -0.693  1.00 33.02 ? 56  LEU A C     1 
ATOM   431 O O     . LEU A 1 56 ? -4.539  6.973   -1.884  1.00 32.90 ? 56  LEU A O     1 
ATOM   432 C CB    . LEU A 1 56 ? -2.642  6.670   0.803   1.00 32.83 ? 56  LEU A CB    1 
ATOM   433 C CG    . LEU A 1 56 ? -1.622  6.194   -0.240  1.00 32.93 ? 56  LEU A CG    1 
ATOM   434 C CD1   . LEU A 1 56 ? -0.818  7.356   -0.797  1.00 32.73 ? 56  LEU A CD1   1 
ATOM   435 C CD2   . LEU A 1 56 ? -0.691  5.150   0.357   1.00 33.00 ? 56  LEU A CD2   1 
ATOM   436 N N     . ILE A 1 57 ? -5.506  5.766   -0.248  1.00 33.38 ? 57  ILE A N     1 
ATOM   437 C CA    . ILE A 1 57 ? -6.213  4.863   -1.161  1.00 33.70 ? 57  ILE A CA    1 
ATOM   438 C C     . ILE A 1 57 ? -7.640  5.316   -1.502  1.00 34.23 ? 57  ILE A C     1 
ATOM   439 O O     . ILE A 1 57 ? -8.313  4.690   -2.325  1.00 34.14 ? 57  ILE A O     1 
ATOM   440 C CB    . ILE A 1 57 ? -6.217  3.397   -0.629  1.00 33.77 ? 57  ILE A CB    1 
ATOM   441 C CG1   . ILE A 1 57 ? -7.089  3.268   0.634   1.00 33.73 ? 57  ILE A CG1   1 
ATOM   442 C CG2   . ILE A 1 57 ? -4.777  2.913   -0.400  1.00 32.93 ? 57  ILE A CG2   1 
ATOM   443 C CD1   . ILE A 1 57 ? -7.411  1.826   1.046   1.00 34.46 ? 57  ILE A CD1   1 
ATOM   444 N N     . LYS A 1 58 ? -8.084  6.404   -0.877  1.00 34.88 ? 58  LYS A N     1 
ATOM   445 C CA    . LYS A 1 58 ? -9.446  6.919   -1.059  1.00 35.87 ? 58  LYS A CA    1 
ATOM   446 C C     . LYS A 1 58 ? -9.794  7.093   -2.534  1.00 36.07 ? 58  LYS A C     1 
ATOM   447 O O     . LYS A 1 58 ? -9.065  7.749   -3.284  1.00 36.22 ? 58  LYS A O     1 
ATOM   448 C CB    . LYS A 1 58 ? -9.617  8.252   -0.326  1.00 35.97 ? 58  LYS A CB    1 
ATOM   449 C CG    . LYS A 1 58 ? -11.065 8.621   -0.024  1.00 37.68 ? 58  LYS A CG    1 
ATOM   450 C CD    . LYS A 1 58 ? -11.504 8.115   1.346   1.00 40.35 ? 58  LYS A CD    1 
ATOM   451 C CE    . LYS A 1 58 ? -11.117 9.095   2.454   1.00 42.06 ? 58  LYS A CE    1 
ATOM   452 N NZ    . LYS A 1 58 ? -11.400 8.530   3.808   1.00 43.64 ? 58  LYS A NZ    1 
ATOM   453 N N     . GLY A 1 59 ? -10.900 6.478   -2.943  1.00 36.58 ? 59  GLY A N     1 
ATOM   454 C CA    . GLY A 1 59 ? -11.412 6.610   -4.307  1.00 36.81 ? 59  GLY A CA    1 
ATOM   455 C C     . GLY A 1 59 ? -10.544 5.978   -5.380  1.00 37.04 ? 59  GLY A C     1 
ATOM   456 O O     . GLY A 1 59 ? -10.743 6.230   -6.567  1.00 37.23 ? 59  GLY A O     1 
ATOM   457 N N     . MET A 1 60 ? -9.577  5.162   -4.968  1.00 37.07 ? 60  MET A N     1 
ATOM   458 C CA    . MET A 1 60 ? -8.706  4.476   -5.913  1.00 37.21 ? 60  MET A CA    1 
ATOM   459 C C     . MET A 1 60 ? -9.392  3.266   -6.509  1.00 37.25 ? 60  MET A C     1 
ATOM   460 O O     . MET A 1 60 ? -9.741  2.326   -5.783  1.00 37.17 ? 60  MET A O     1 
ATOM   461 C CB    . MET A 1 60 ? -7.394  4.037   -5.261  1.00 37.19 ? 60  MET A CB    1 
ATOM   462 C CG    . MET A 1 60 ? -6.267  5.009   -5.439  1.00 37.14 ? 60  MET A CG    1 
ATOM   463 S SD    . MET A 1 60 ? -4.667  4.256   -5.118  1.00 37.33 ? 60  MET A SD    1 
ATOM   464 C CE    . MET A 1 60 ? -3.709  5.744   -4.841  1.00 37.35 ? 60  MET A CE    1 
ATOM   465 N N     . PRO A 1 61 ? -9.584  3.282   -7.839  1.00 37.30 ? 61  PRO A N     1 
ATOM   466 C CA    . PRO A 1 61 ? -10.151 2.122   -8.503  1.00 37.00 ? 61  PRO A CA    1 
ATOM   467 C C     . PRO A 1 61 ? -9.194  0.945   -8.378  1.00 36.53 ? 61  PRO A C     1 
ATOM   468 O O     . PRO A 1 61 ? -7.966  1.133   -8.403  1.00 36.59 ? 61  PRO A O     1 
ATOM   469 C CB    . PRO A 1 61 ? -10.264 2.573   -9.966  1.00 37.24 ? 61  PRO A CB    1 
ATOM   470 C CG    . PRO A 1 61 ? -10.222 4.071   -9.917  1.00 37.35 ? 61  PRO A CG    1 
ATOM   471 C CD    . PRO A 1 61 ? -9.283  4.362   -8.797  1.00 37.47 ? 61  PRO A CD    1 
ATOM   472 N N     . ARG A 1 62 ? -9.768  -0.244  -8.207  1.00 35.73 ? 62  ARG A N     1 
ATOM   473 C CA    . ARG A 1 62 ? -9.037  -1.514  -8.144  1.00 35.08 ? 62  ARG A CA    1 
ATOM   474 C C     . ARG A 1 62 ? -8.320  -1.757  -6.808  1.00 34.48 ? 62  ARG A C     1 
ATOM   475 O O     . ARG A 1 62 ? -7.576  -2.724  -6.672  1.00 34.53 ? 62  ARG A O     1 
ATOM   476 C CB    . ARG A 1 62 ? -8.100  -1.682  -9.355  1.00 35.16 ? 62  ARG A CB    1 
ATOM   477 C CG    . ARG A 1 62 ? -8.725  -1.291  -10.712 1.00 35.57 ? 62  ARG A CG    1 
ATOM   478 C CD    . ARG A 1 62 ? -9.789  -2.279  -11.213 1.00 36.46 ? 62  ARG A CD    1 
ATOM   479 N NE    . ARG A 1 62 ? -11.072 -2.202  -10.505 1.00 37.27 ? 62  ARG A NE    1 
ATOM   480 C CZ    . ARG A 1 62 ? -12.103 -1.436  -10.870 1.00 37.55 ? 62  ARG A CZ    1 
ATOM   481 N NH1   . ARG A 1 62 ? -13.223 -1.452  -10.159 1.00 37.88 ? 62  ARG A NH1   1 
ATOM   482 N NH2   . ARG A 1 62 ? -12.024 -0.655  -11.941 1.00 36.07 ? 62  ARG A NH2   1 
ATOM   483 N N     . VAL A 1 63 ? -8.565  -0.881  -5.832  1.00 33.65 ? 63  VAL A N     1 
ATOM   484 C CA    . VAL A 1 63 ? -8.139  -1.092  -4.446  1.00 32.93 ? 63  VAL A CA    1 
ATOM   485 C C     . VAL A 1 63 ? -9.339  -1.564  -3.609  1.00 32.58 ? 63  VAL A C     1 
ATOM   486 O O     . VAL A 1 63 ? -10.392 -0.926  -3.608  1.00 32.21 ? 63  VAL A O     1 
ATOM   487 C CB    . VAL A 1 63 ? -7.525  0.195   -3.822  1.00 32.94 ? 63  VAL A CB    1 
ATOM   488 C CG1   . VAL A 1 63 ? -7.282  0.019   -2.318  1.00 32.33 ? 63  VAL A CG1   1 
ATOM   489 C CG2   . VAL A 1 63 ? -6.227  0.577   -4.531  1.00 32.70 ? 63  VAL A CG2   1 
ATOM   490 N N     . ARG A 1 64 ? -9.168  -2.685  -2.907  1.00 32.18 ? 64  ARG A N     1 
ATOM   491 C CA    . ARG A 1 64 ? -10.233 -3.267  -2.082  1.00 31.88 ? 64  ARG A CA    1 
ATOM   492 C C     . ARG A 1 64 ? -10.242 -2.698  -0.668  1.00 31.64 ? 64  ARG A C     1 
ATOM   493 O O     . ARG A 1 64 ? -11.302 -2.524  -0.068  1.00 31.56 ? 64  ARG A O     1 
ATOM   494 C CB    . ARG A 1 64 ? -10.114 -4.796  -2.025  1.00 32.09 ? 64  ARG A CB    1 
ATOM   495 C CG    . ARG A 1 64 ? -10.609 -5.537  -3.273  1.00 32.38 ? 64  ARG A CG    1 
ATOM   496 C CD    . ARG A 1 64 ? -9.565  -5.534  -4.381  1.00 32.21 ? 64  ARG A CD    1 
ATOM   497 N NE    . ARG A 1 64 ? -9.769  -6.605  -5.351  1.00 31.63 ? 64  ARG A NE    1 
ATOM   498 C CZ    . ARG A 1 64 ? -10.417 -6.469  -6.504  1.00 32.08 ? 64  ARG A CZ    1 
ATOM   499 N NH1   . ARG A 1 64 ? -10.945 -5.301  -6.847  1.00 31.78 ? 64  ARG A NH1   1 
ATOM   500 N NH2   . ARG A 1 64 ? -10.533 -7.507  -7.321  1.00 30.54 ? 64  ARG A NH2   1 
ATOM   501 N N     . GLY A 1 65 ? -9.056  -2.424  -0.131  1.00 31.19 ? 65  GLY A N     1 
ATOM   502 C CA    . GLY A 1 65 ? -8.934  -1.848  1.200   1.00 30.90 ? 65  GLY A CA    1 
ATOM   503 C C     . GLY A 1 65 ? -7.636  -2.228  1.879   1.00 30.65 ? 65  GLY A C     1 
ATOM   504 O O     . GLY A 1 65 ? -6.694  -2.692  1.226   1.00 30.71 ? 65  GLY A O     1 
ATOM   505 N N     . ILE A 1 66 ? -7.590  -2.024  3.193   1.00 29.95 ? 66  ILE A N     1 
ATOM   506 C CA    . ILE A 1 66 ? -6.397  -2.316  3.987   1.00 29.77 ? 66  ILE A CA    1 
ATOM   507 C C     . ILE A 1 66 ? -6.601  -3.606  4.776   1.00 29.64 ? 66  ILE A C     1 
ATOM   508 O O     . ILE A 1 66 ? -7.653  -3.808  5.387   1.00 29.20 ? 66  ILE A O     1 
ATOM   509 C CB    . ILE A 1 66 ? -6.068  -1.163  4.971   1.00 29.68 ? 66  ILE A CB    1 
ATOM   510 C CG1   . ILE A 1 66 ? -5.965  0.178   4.230   1.00 29.96 ? 66  ILE A CG1   1 
ATOM   511 C CG2   . ILE A 1 66 ? -4.785  -1.458  5.748   1.00 29.50 ? 66  ILE A CG2   1 
ATOM   512 C CD1   . ILE A 1 66 ? -5.927  1.401   5.154   1.00 30.38 ? 66  ILE A CD1   1 
ATOM   513 N N     . VAL A 1 67 ? -5.592  -4.473  4.752   1.00 29.50 ? 67  VAL A N     1 
ATOM   514 C CA    . VAL A 1 67 ? -5.582  -5.666  5.601   1.00 29.53 ? 67  VAL A CA    1 
ATOM   515 C C     . VAL A 1 67 ? -5.592  -5.245  7.074   1.00 29.86 ? 67  VAL A C     1 
ATOM   516 O O     . VAL A 1 67 ? -4.798  -4.397  7.478   1.00 29.22 ? 67  VAL A O     1 
ATOM   517 C CB    . VAL A 1 67 ? -4.361  -6.573  5.292   1.00 29.43 ? 67  VAL A CB    1 
ATOM   518 C CG1   . VAL A 1 67 ? -4.288  -7.772  6.257   1.00 29.68 ? 67  VAL A CG1   1 
ATOM   519 C CG2   . VAL A 1 67 ? -4.425  -7.062  3.851   1.00 28.88 ? 67  VAL A CG2   1 
ATOM   520 N N     . PRO A 1 68 ? -6.521  -5.812  7.873   1.00 30.39 ? 68  PRO A N     1 
ATOM   521 C CA    . PRO A 1 68 ? -6.567  -5.542  9.310   1.00 30.99 ? 68  PRO A CA    1 
ATOM   522 C C     . PRO A 1 68 ? -5.243  -5.842  10.004  1.00 31.68 ? 68  PRO A C     1 
ATOM   523 O O     . PRO A 1 68 ? -4.555  -6.808  9.653   1.00 31.27 ? 68  PRO A O     1 
ATOM   524 C CB    . PRO A 1 68 ? -7.657  -6.493  9.811   1.00 30.94 ? 68  PRO A CB    1 
ATOM   525 C CG    . PRO A 1 68 ? -8.542  -6.679  8.645   1.00 31.11 ? 68  PRO A CG    1 
ATOM   526 C CD    . PRO A 1 68 ? -7.615  -6.709  7.458   1.00 30.58 ? 68  PRO A CD    1 
ATOM   527 N N     . GLY A 1 69 ? -4.905  -5.006  10.980  1.00 32.53 ? 69  GLY A N     1 
ATOM   528 C CA    . GLY A 1 69 ? -3.662  -5.136  11.726  1.00 34.25 ? 69  GLY A CA    1 
ATOM   529 C C     . GLY A 1 69 ? -2.491  -4.626  10.909  1.00 35.41 ? 69  GLY A C     1 
ATOM   530 O O     . GLY A 1 69 ? -2.671  -3.945  9.890   1.00 35.64 ? 69  GLY A O     1 
ATOM   531 N N     . THR A 1 70 ? -1.289  -4.953  11.359  1.00 36.60 ? 70  THR A N     1 
ATOM   532 C CA    . THR A 1 70 ? -0.073  -4.525  10.678  1.00 37.80 ? 70  THR A CA    1 
ATOM   533 C C     . THR A 1 70 ? 0.771   -5.722  10.259  1.00 38.39 ? 70  THR A C     1 
ATOM   534 O O     . THR A 1 70 ? 0.504   -6.858  10.661  1.00 38.02 ? 70  THR A O     1 
ATOM   535 C CB    . THR A 1 70 ? 0.774   -3.569  11.551  1.00 37.79 ? 70  THR A CB    1 
ATOM   536 O OG1   . THR A 1 70 ? 1.035   -4.180  12.821  1.00 38.64 ? 70  THR A OG1   1 
ATOM   537 C CG2   . THR A 1 70 ? 0.048   -2.240  11.758  1.00 37.98 ? 70  THR A CG2   1 
ATOM   538 N N     . ILE A 1 71 ? 1.788   -5.448  9.448   1.00 39.35 ? 71  ILE A N     1 
ATOM   539 C CA    . ILE A 1 71 ? 2.673   -6.478  8.928   1.00 40.49 ? 71  ILE A CA    1 
ATOM   540 C C     . ILE A 1 71 ? 4.046   -6.353  9.584   1.00 41.30 ? 71  ILE A C     1 
ATOM   541 O O     . ILE A 1 71 ? 4.643   -5.270  9.597   1.00 41.22 ? 71  ILE A O     1 
ATOM   542 C CB    . ILE A 1 71 ? 2.825   -6.371  7.378   1.00 40.29 ? 71  ILE A CB    1 
ATOM   543 C CG1   . ILE A 1 71 ? 1.478   -6.073  6.683   1.00 40.74 ? 71  ILE A CG1   1 
ATOM   544 C CG2   . ILE A 1 71 ? 3.542   -7.600  6.808   1.00 40.56 ? 71  ILE A CG2   1 
ATOM   545 C CD1   . ILE A 1 71 ? 0.363   -7.103  6.887   1.00 41.14 ? 71  ILE A CD1   1 
ATOM   546 N N     . ALA A 1 72 ? 4.531   -7.458  10.142  1.00 42.49 ? 72  ALA A N     1 
ATOM   547 C CA    . ALA A 1 72 ? 5.895   -7.527  10.645  1.00 43.76 ? 72  ALA A CA    1 
ATOM   548 C C     . ALA A 1 72 ? 6.833   -7.655  9.452   1.00 44.76 ? 72  ALA A C     1 
ATOM   549 O O     . ALA A 1 72 ? 6.570   -8.436  8.532   1.00 44.81 ? 72  ALA A O     1 
ATOM   550 C CB    . ALA A 1 72 ? 6.058   -8.708  11.583  1.00 43.70 ? 72  ALA A CB    1 
ATOM   551 N N     . ILE A 1 73 ? 7.917   -6.879  9.461   1.00 46.06 ? 73  ILE A N     1 
ATOM   552 C CA    . ILE A 1 73 ? 8.870   -6.862  8.344   1.00 47.31 ? 73  ILE A CA    1 
ATOM   553 C C     . ILE A 1 73 ? 9.397   -8.263  7.987   1.00 47.98 ? 73  ILE A C     1 
ATOM   554 O O     . ILE A 1 73 ? 9.766   -8.517  6.840   1.00 48.23 ? 73  ILE A O     1 
ATOM   555 C CB    . ILE A 1 73 ? 10.028  -5.834  8.579   1.00 47.35 ? 73  ILE A CB    1 
ATOM   556 C CG1   . ILE A 1 73 ? 10.661  -5.410  7.243   1.00 47.66 ? 73  ILE A CG1   1 
ATOM   557 C CG2   . ILE A 1 73 ? 11.063  -6.369  9.569   1.00 47.71 ? 73  ILE A CG2   1 
ATOM   558 C CD1   . ILE A 1 73 ? 11.304  -4.029  7.264   1.00 48.04 ? 73  ILE A CD1   1 
ATOM   559 N N     . GLU A 1 74 ? 9.384   -9.166  8.966   1.00 48.85 ? 74  GLU A N     1 
ATOM   560 C CA    . GLU A 1 74 ? 9.825   -10.551 8.781   1.00 49.81 ? 74  GLU A CA    1 
ATOM   561 C C     . GLU A 1 74 ? 8.945   -11.327 7.799   1.00 50.25 ? 74  GLU A C     1 
ATOM   562 O O     . GLU A 1 74 ? 9.403   -12.295 7.190   1.00 50.38 ? 74  GLU A O     1 
ATOM   563 C CB    . GLU A 1 74 ? 9.875   -11.297 10.122  1.00 49.87 ? 74  GLU A CB    1 
ATOM   564 C CG    . GLU A 1 74 ? 10.707  -10.621 11.210  1.00 50.75 ? 74  GLU A CG    1 
ATOM   565 C CD    . GLU A 1 74 ? 9.895   -9.645  12.045  1.00 51.77 ? 74  GLU A CD    1 
ATOM   566 O OE1   . GLU A 1 74 ? 10.113  -8.421  11.911  1.00 52.05 ? 74  GLU A OE1   1 
ATOM   567 O OE2   . GLU A 1 74 ? 9.031   -10.101 12.828  1.00 52.13 ? 74  GLU A OE2   1 
ATOM   568 N N     . GLU A 1 75 ? 7.689   -10.903 7.657   1.00 50.74 ? 75  GLU A N     1 
ATOM   569 C CA    . GLU A 1 75 ? 6.742   -11.549 6.744   1.00 51.32 ? 75  GLU A CA    1 
ATOM   570 C C     . GLU A 1 75 ? 7.065   -11.266 5.275   1.00 51.66 ? 75  GLU A C     1 
ATOM   571 O O     . GLU A 1 75 ? 6.677   -12.035 4.391   1.00 51.72 ? 75  GLU A O     1 
ATOM   572 C CB    . GLU A 1 75 ? 5.301   -11.107 7.047   1.00 51.32 ? 75  GLU A CB    1 
ATOM   573 C CG    . GLU A 1 75 ? 4.728   -11.618 8.372   1.00 51.57 ? 75  GLU A CG    1 
ATOM   574 C CD    . GLU A 1 75 ? 3.290   -11.162 8.617   1.00 51.56 ? 75  GLU A CD    1 
ATOM   575 O OE1   . GLU A 1 75 ? 3.060   -10.425 9.601   1.00 51.61 ? 75  GLU A OE1   1 
ATOM   576 O OE2   . GLU A 1 75 ? 2.394   -11.535 7.829   1.00 51.29 ? 75  GLU A OE2   1 
ATOM   577 N N     . ILE A 1 76 ? 7.793   -10.175 5.031   1.00 52.12 ? 76  ILE A N     1 
ATOM   578 C CA    . ILE A 1 76 ? 7.980   -9.620  3.684   1.00 52.60 ? 76  ILE A CA    1 
ATOM   579 C C     . ILE A 1 76 ? 8.944   -10.415 2.784   1.00 52.96 ? 76  ILE A C     1 
ATOM   580 O O     . ILE A 1 76 ? 8.561   -10.825 1.682   1.00 52.93 ? 76  ILE A O     1 
ATOM   581 C CB    . ILE A 1 76 ? 8.385   -8.113  3.740   1.00 52.57 ? 76  ILE A CB    1 
ATOM   582 C CG1   . ILE A 1 76 ? 7.313   -7.303  4.483   1.00 52.50 ? 76  ILE A CG1   1 
ATOM   583 C CG2   . ILE A 1 76 ? 8.624   -7.555  2.335   1.00 52.58 ? 76  ILE A CG2   1 
ATOM   584 C CD1   . ILE A 1 76 ? 7.716   -5.876  4.831   1.00 52.77 ? 76  ILE A CD1   1 
ATOM   585 N N     . GLU A 1 77 ? 10.176  -10.631 3.247   1.00 53.43 ? 77  GLU A N     1 
ATOM   586 C CA    . GLU A 1 77 ? 11.203  -11.293 2.426   1.00 54.04 ? 77  GLU A CA    1 
ATOM   587 C C     . GLU A 1 77 ? 10.821  -12.692 1.903   1.00 54.31 ? 77  GLU A C     1 
ATOM   588 O O     . GLU A 1 77 ? 11.025  -12.966 0.715   1.00 54.30 ? 77  GLU A O     1 
ATOM   589 C CB    . GLU A 1 77 ? 12.571  -11.325 3.124   1.00 54.04 ? 77  GLU A CB    1 
ATOM   590 C CG    . GLU A 1 77 ? 13.737  -11.423 2.142   1.00 54.56 ? 77  GLU A CG    1 
ATOM   591 C CD    . GLU A 1 77 ? 14.910  -12.221 2.680   1.00 55.14 ? 77  GLU A CD    1 
ATOM   592 O OE1   . GLU A 1 77 ? 15.576  -11.753 3.630   1.00 55.51 ? 77  GLU A OE1   1 
ATOM   593 O OE2   . GLU A 1 77 ? 15.175  -13.316 2.135   1.00 55.20 ? 77  GLU A OE2   1 
ATOM   594 N N     . PRO A 1 78 ? 10.272  -13.578 2.770   1.00 54.66 ? 78  PRO A N     1 
ATOM   595 C CA    . PRO A 1 78 ? 9.854   -14.904 2.290   1.00 54.94 ? 78  PRO A CA    1 
ATOM   596 C C     . PRO A 1 78 ? 8.795   -14.858 1.183   1.00 55.26 ? 78  PRO A C     1 
ATOM   597 O O     . PRO A 1 78 ? 8.803   -15.713 0.294   1.00 55.37 ? 78  PRO A O     1 
ATOM   598 C CB    . PRO A 1 78 ? 9.282   -15.572 3.546   1.00 54.90 ? 78  PRO A CB    1 
ATOM   599 C CG    . PRO A 1 78 ? 9.923   -14.857 4.679   1.00 54.80 ? 78  PRO A CG    1 
ATOM   600 C CD    . PRO A 1 78 ? 10.031  -13.438 4.219   1.00 54.64 ? 78  PRO A CD    1 
ATOM   601 N N     . LEU A 1 79 ? 7.907   -13.865 1.236   1.00 55.60 ? 79  LEU A N     1 
ATOM   602 C CA    . LEU A 1 79 ? 6.871   -13.685 0.212   1.00 55.97 ? 79  LEU A CA    1 
ATOM   603 C C     . LEU A 1 79 ? 7.427   -13.200 -1.134  1.00 56.19 ? 79  LEU A C     1 
ATOM   604 O O     . LEU A 1 79 ? 6.708   -13.183 -2.140  1.00 56.24 ? 79  LEU A O     1 
ATOM   605 C CB    . LEU A 1 79 ? 5.776   -12.730 0.704   1.00 55.95 ? 79  LEU A CB    1 
ATOM   606 C CG    . LEU A 1 79 ? 4.768   -13.246 1.737   1.00 56.15 ? 79  LEU A CG    1 
ATOM   607 C CD1   . LEU A 1 79 ? 3.989   -12.085 2.338   1.00 56.27 ? 79  LEU A CD1   1 
ATOM   608 C CD2   . LEU A 1 79 ? 3.816   -14.286 1.145   1.00 56.16 ? 79  LEU A CD2   1 
ATOM   609 N N     . LEU A 1 80 ? 8.701   -12.810 -1.144  1.00 56.41 ? 80  LEU A N     1 
ATOM   610 C CA    . LEU A 1 80 ? 9.366   -12.344 -2.359  1.00 56.57 ? 80  LEU A CA    1 
ATOM   611 C C     . LEU A 1 80 ? 10.357  -13.383 -2.878  1.00 56.66 ? 80  LEU A C     1 
ATOM   612 O O     . LEU A 1 80 ? 10.022  -14.205 -3.735  1.00 56.77 ? 80  LEU A O     1 
ATOM   613 C CB    . LEU A 1 80 ? 10.083  -11.011 -2.109  1.00 56.59 ? 80  LEU A CB    1 
ATOM   614 C CG    . LEU A 1 80 ? 9.296   -9.811  -1.563  1.00 56.77 ? 80  LEU A CG    1 
ATOM   615 C CD1   . LEU A 1 80 ? 10.255  -8.689  -1.185  1.00 57.05 ? 80  LEU A CD1   1 
ATOM   616 C CD2   . LEU A 1 80 ? 8.248   -9.309  -2.548  1.00 56.72 ? 80  LEU A CD2   1 
HETATM 617 C C1    . DIO B 2 .  ? 0.624   -9.046  2.061   1.00 41.66 ? 92  DIO A C1    1 
HETATM 618 C C2    . DIO B 2 .  ? 1.841   -9.317  4.111   1.00 42.12 ? 92  DIO A C2    1 
HETATM 619 C "C1'" . DIO B 2 .  ? -0.571  -9.706  2.746   1.00 41.78 ? 92  DIO A "C1'" 1 
HETATM 620 C "C2'" . DIO B 2 .  ? 0.719   -10.158 4.725   1.00 42.17 ? 92  DIO A "C2'" 1 
HETATM 621 O O1    . DIO B 2 .  ? 1.843   -9.446  2.687   1.00 42.35 ? 92  DIO A O1    1 
HETATM 622 O "O1'" . DIO B 2 .  ? -0.137  -10.680 3.704   1.00 41.93 ? 92  DIO A "O1'" 1 
HETATM 623 C C1    . DIO C 2 .  ? 7.698   -1.523  1.837   1.00 44.18 ? 93  DIO A C1    1 
HETATM 624 C C2    . DIO C 2 .  ? 9.272   -2.486  3.366   1.00 44.71 ? 93  DIO A C2    1 
HETATM 625 C "C1'" . DIO C 2 .  ? 6.906   -0.810  2.927   1.00 44.04 ? 93  DIO A "C1'" 1 
HETATM 626 C "C2'" . DIO C 2 .  ? 8.902   -1.257  4.198   1.00 44.52 ? 93  DIO A "C2'" 1 
HETATM 627 O O1    . DIO C 2 .  ? 8.276   -2.722  2.362   1.00 44.76 ? 93  DIO A O1    1 
HETATM 628 O "O1'" . DIO C 2 .  ? 7.481   -1.077  4.208   1.00 44.07 ? 93  DIO A "O1'" 1 
HETATM 629 O O     . HOH D 3 .  ? -10.217 2.512   -1.987  1.00 47.77 ? 94  HOH A O     1 
HETATM 630 O O     . HOH D 3 .  ? 2.915   -6.253  -4.936  1.00 26.47 ? 95  HOH A O     1 
HETATM 631 O O     . HOH D 3 .  ? -7.861  -9.710  -8.600  1.00 30.82 ? 96  HOH A O     1 
HETATM 632 O O     . HOH D 3 .  ? -2.246  -3.989  7.032   1.00 24.78 ? 97  HOH A O     1 
HETATM 633 O O     . HOH D 3 .  ? 0.155   -2.767  -12.333 1.00 29.98 ? 98  HOH A O     1 
HETATM 634 O O     . HOH D 3 .  ? 1.605   -13.727 -3.933  1.00 47.66 ? 99  HOH A O     1 
HETATM 635 O O     . HOH D 3 .  ? 4.522   -2.764  11.207  1.00 40.95 ? 100 HOH A O     1 
HETATM 636 O O     . HOH D 3 .  ? -4.547  -2.128  9.461   1.00 34.54 ? 101 HOH A O     1 
HETATM 637 O O     . HOH D 3 .  ? -8.758  -2.836  7.839   1.00 49.29 ? 102 HOH A O     1 
HETATM 638 O O     . HOH D 3 .  ? -13.582 -3.381  -7.993  1.00 41.49 ? 103 HOH A O     1 
HETATM 639 O O     . HOH D 3 .  ? 0.343   11.249  9.942   1.00 31.68 ? 104 HOH A O     1 
HETATM 640 O O     . HOH D 3 .  ? 1.903   -5.282  -10.964 1.00 34.85 ? 105 HOH A O     1 
HETATM 641 O O     . HOH D 3 .  ? -9.863  -0.334  4.268   1.00 45.15 ? 106 HOH A O     1 
HETATM 642 O O     . HOH D 3 .  ? -2.816  4.342   13.201  1.00 47.25 ? 107 HOH A O     1 
HETATM 643 O O     . HOH D 3 .  ? -12.031 -0.440  -7.210  1.00 40.21 ? 108 HOH A O     1 
HETATM 644 O O     . HOH D 3 .  ? -8.007  -8.987  -5.623  1.00 40.91 ? 109 HOH A O     1 
HETATM 645 O O     . HOH D 3 .  ? -11.809 -2.792  -5.662  1.00 39.18 ? 110 HOH A O     1 
HETATM 646 O O     . HOH D 3 .  ? -0.217  15.637  5.990   1.00 54.91 ? 111 HOH A O     1 
HETATM 647 O O     . HOH D 3 .  ? -4.850  -6.945  -13.771 1.00 52.47 ? 112 HOH A O     1 
HETATM 648 O O     . HOH D 3 .  ? -9.924  4.743   2.379   1.00 40.90 ? 113 HOH A O     1 
HETATM 649 O O     . HOH D 3 .  ? 0.557   4.131   -11.897 1.00 37.55 ? 114 HOH A O     1 
HETATM 650 O O     . HOH D 3 .  ? -2.115  12.550  10.430  1.00 41.98 ? 115 HOH A O     1 
HETATM 651 O O     . HOH D 3 .  ? 0.766   -9.628  -9.814  1.00 49.26 ? 116 HOH A O     1 
HETATM 652 O O     . HOH D 3 .  ? 11.074  4.810   6.206   1.00 42.12 ? 117 HOH A O     1 
HETATM 653 O O     . HOH D 3 .  ? 13.155  -14.441 -1.537  1.00 68.30 ? 118 HOH A O     1 
HETATM 654 O O     . HOH D 3 .  ? -2.064  -7.965  9.748   1.00 37.82 ? 119 HOH A O     1 
HETATM 655 O O     . HOH D 3 .  ? 3.792   4.025   12.909  1.00 48.85 ? 120 HOH A O     1 
HETATM 656 O O     . HOH D 3 .  ? 7.199   1.388   10.438  1.00 41.45 ? 121 HOH A O     1 
HETATM 657 O O     . HOH D 3 .  ? 3.679   -13.867 -2.218  1.00 50.88 ? 122 HOH A O     1 
HETATM 658 O O     . HOH D 3 .  ? 10.913  7.271   7.879   1.00 52.38 ? 123 HOH A O     1 
HETATM 659 O O     . HOH D 3 .  ? -6.262  -2.997  12.312  1.00 51.19 ? 124 HOH A O     1 
HETATM 660 O O     . HOH D 3 .  ? 2.317   -13.449 5.427   1.00 56.25 ? 125 HOH A O     1 
HETATM 661 O O     . HOH D 3 .  ? -4.969  6.589   12.368  1.00 48.69 ? 126 HOH A O     1 
HETATM 662 O O     . HOH D 3 .  ? 8.693   10.828  11.111  1.00 57.33 ? 127 HOH A O     1 
# 
loop_
_pdbx_poly_seq_scheme.asym_id 
_pdbx_poly_seq_scheme.entity_id 
_pdbx_poly_seq_scheme.seq_id 
_pdbx_poly_seq_scheme.mon_id 
_pdbx_poly_seq_scheme.ndb_seq_num 
_pdbx_poly_seq_scheme.pdb_seq_num 
_pdbx_poly_seq_scheme.auth_seq_num 
_pdbx_poly_seq_scheme.pdb_mon_id 
_pdbx_poly_seq_scheme.auth_mon_id 
_pdbx_poly_seq_scheme.pdb_strand_id 
_pdbx_poly_seq_scheme.pdb_ins_code 
_pdbx_poly_seq_scheme.hetero 
A 1 1  MET 1  1  1  MET MET A . n 
A 1 2  ILE 2  2  2  ILE ILE A . n 
A 1 3  PHE 3  3  3  PHE PHE A . n 
A 1 4  ALA 4  4  4  ALA ALA A . n 
A 1 5  VAL 5  5  5  VAL VAL A . n 
A 1 6  ARG 6  6  6  ARG ARG A . n 
A 1 7  THR 7  7  7  THR THR A . n 
A 1 8  MET 8  8  8  MET MET A . n 
A 1 9  VAL 9  9  9  VAL VAL A . n 
A 1 10 GLY 10 10 10 GLY GLY A . n 
A 1 11 GLN 11 11 11 GLN GLN A . n 
A 1 12 GLU 12 12 12 GLU GLU A . n 
A 1 13 LYS 13 13 13 LYS LYS A . n 
A 1 14 ASN 14 14 14 ASN ASN A . n 
A 1 15 ILE 15 15 15 ILE ILE A . n 
A 1 16 ALA 16 16 16 ALA ALA A . n 
A 1 17 GLY 17 17 17 GLY GLY A . n 
A 1 18 LEU 18 18 18 LEU LEU A . n 
A 1 19 MET 19 19 19 MET MET A . n 
A 1 20 ALA 20 20 20 ALA ALA A . n 
A 1 21 SER 21 21 21 SER SER A . n 
A 1 22 ARG 22 22 22 ARG ARG A . n 
A 1 23 ALA 23 23 23 ALA ALA A . n 
A 1 24 GLU 24 24 24 GLU GLU A . n 
A 1 25 LYS 25 25 25 LYS LYS A . n 
A 1 26 GLU 26 26 26 GLU GLU A . n 
A 1 27 GLN 27 27 27 GLN GLN A . n 
A 1 28 LEU 28 28 28 LEU LEU A . n 
A 1 29 ASP 29 29 29 ASP ASP A . n 
A 1 30 VAL 30 30 30 VAL VAL A . n 
A 1 31 TYR 31 31 31 TYR TYR A . n 
A 1 32 SER 32 32 32 SER SER A . n 
A 1 33 ILE 33 33 33 ILE ILE A . n 
A 1 34 LEU 34 34 34 LEU LEU A . n 
A 1 35 ALA 35 35 35 ALA ALA A . n 
A 1 36 SER 36 36 36 SER SER A . n 
A 1 37 GLU 37 37 37 GLU GLU A . n 
A 1 38 SER 38 38 38 SER SER A . n 
A 1 39 LEU 39 39 39 LEU LEU A . n 
A 1 40 LYS 40 40 40 LYS LYS A . n 
A 1 41 GLY 41 41 41 GLY GLY A . n 
A 1 42 TYR 42 42 42 TYR TYR A . n 
A 1 43 VAL 43 43 43 VAL VAL A . n 
A 1 44 LEU 44 44 44 LEU LEU A . n 
A 1 45 VAL 45 45 45 VAL VAL A . n 
A 1 46 GLU 46 46 46 GLU GLU A . n 
A 1 47 ALA 47 47 47 ALA ALA A . n 
A 1 48 GLU 48 48 48 GLU GLU A . n 
A 1 49 THR 49 49 49 THR THR A . n 
A 1 50 LYS 50 50 50 LYS LYS A . n 
A 1 51 GLY 51 51 51 GLY GLY A . n 
A 1 52 ASP 52 52 52 ASP ASP A . n 
A 1 53 VAL 53 53 53 VAL VAL A . n 
A 1 54 GLU 54 54 54 GLU GLU A . n 
A 1 55 GLU 55 55 55 GLU GLU A . n 
A 1 56 LEU 56 56 56 LEU LEU A . n 
A 1 57 ILE 57 57 57 ILE ILE A . n 
A 1 58 LYS 58 58 58 LYS LYS A . n 
A 1 59 GLY 59 59 59 GLY GLY A . n 
A 1 60 MET 60 60 60 MET MET A . n 
A 1 61 PRO 61 61 61 PRO PRO A . n 
A 1 62 ARG 62 62 62 ARG ARG A . n 
A 1 63 VAL 63 63 63 VAL VAL A . n 
A 1 64 ARG 64 64 64 ARG ARG A . n 
A 1 65 GLY 65 65 65 GLY GLY A . n 
A 1 66 ILE 66 66 66 ILE ILE A . n 
A 1 67 VAL 67 67 67 VAL VAL A . n 
A 1 68 PRO 68 68 68 PRO PRO A . n 
A 1 69 GLY 69 69 69 GLY GLY A . n 
A 1 70 THR 70 70 70 THR THR A . n 
A 1 71 ILE 71 71 71 ILE ILE A . n 
A 1 72 ALA 72 72 72 ALA ALA A . n 
A 1 73 ILE 73 73 73 ILE ILE A . n 
A 1 74 GLU 74 74 74 GLU GLU A . n 
A 1 75 GLU 75 75 75 GLU GLU A . n 
A 1 76 ILE 76 76 76 ILE ILE A . n 
A 1 77 GLU 77 77 77 GLU GLU A . n 
A 1 78 PRO 78 78 78 PRO PRO A . n 
A 1 79 LEU 79 79 79 LEU LEU A . n 
A 1 80 LEU 80 80 80 LEU LEU A . n 
A 1 81 THR 81 81 ?  ?   ?   A . n 
A 1 82 PRO 82 82 ?  ?   ?   A . n 
A 1 83 LYS 83 83 ?  ?   ?   A . n 
A 1 84 LEU 84 84 ?  ?   ?   A . n 
A 1 85 GLU 85 85 ?  ?   ?   A . n 
A 1 86 HIS 86 86 ?  ?   ?   A . n 
A 1 87 HIS 87 87 ?  ?   ?   A . n 
A 1 88 HIS 88 88 ?  ?   ?   A . n 
A 1 89 HIS 89 89 ?  ?   ?   A . n 
A 1 90 HIS 90 90 ?  ?   ?   A . n 
A 1 91 HIS 91 91 ?  ?   ?   A . n 
# 
loop_
_pdbx_nonpoly_scheme.asym_id 
_pdbx_nonpoly_scheme.entity_id 
_pdbx_nonpoly_scheme.mon_id 
_pdbx_nonpoly_scheme.ndb_seq_num 
_pdbx_nonpoly_scheme.pdb_seq_num 
_pdbx_nonpoly_scheme.auth_seq_num 
_pdbx_nonpoly_scheme.pdb_mon_id 
_pdbx_nonpoly_scheme.auth_mon_id 
_pdbx_nonpoly_scheme.pdb_strand_id 
_pdbx_nonpoly_scheme.pdb_ins_code 
B 2 DIO 1  92  1  DIO DIO A . 
C 2 DIO 1  93  2  DIO DIO A . 
D 3 HOH 1  94  1  HOH HOH A . 
D 3 HOH 2  95  2  HOH HOH A . 
D 3 HOH 3  96  3  HOH HOH A . 
D 3 HOH 4  97  4  HOH HOH A . 
D 3 HOH 5  98  5  HOH HOH A . 
D 3 HOH 6  99  6  HOH HOH A . 
D 3 HOH 7  100 7  HOH HOH A . 
D 3 HOH 8  101 8  HOH HOH A . 
D 3 HOH 9  102 9  HOH HOH A . 
D 3 HOH 10 103 10 HOH HOH A . 
D 3 HOH 11 104 11 HOH HOH A . 
D 3 HOH 12 105 12 HOH HOH A . 
D 3 HOH 13 106 13 HOH HOH A . 
D 3 HOH 14 107 14 HOH HOH A . 
D 3 HOH 15 108 15 HOH HOH A . 
D 3 HOH 16 109 16 HOH HOH A . 
D 3 HOH 17 110 17 HOH HOH A . 
D 3 HOH 18 111 18 HOH HOH A . 
D 3 HOH 19 112 19 HOH HOH A . 
D 3 HOH 20 113 20 HOH HOH A . 
D 3 HOH 21 114 21 HOH HOH A . 
D 3 HOH 22 115 22 HOH HOH A . 
D 3 HOH 23 116 23 HOH HOH A . 
D 3 HOH 24 117 24 HOH HOH A . 
D 3 HOH 25 118 25 HOH HOH A . 
D 3 HOH 26 119 26 HOH HOH A . 
D 3 HOH 27 120 27 HOH HOH A . 
D 3 HOH 28 121 28 HOH HOH A . 
D 3 HOH 29 122 29 HOH HOH A . 
D 3 HOH 30 123 30 HOH HOH A . 
D 3 HOH 31 124 31 HOH HOH A . 
D 3 HOH 32 125 32 HOH HOH A . 
D 3 HOH 33 126 33 HOH HOH A . 
D 3 HOH 34 127 34 HOH HOH A . 
# 
_pdbx_struct_assembly.id                   1 
_pdbx_struct_assembly.details              author_and_software_defined_assembly 
_pdbx_struct_assembly.method_details       PISA 
_pdbx_struct_assembly.oligomeric_details   dimeric 
_pdbx_struct_assembly.oligomeric_count     2 
# 
_pdbx_struct_assembly_gen.assembly_id       1 
_pdbx_struct_assembly_gen.oper_expression   1,2 
_pdbx_struct_assembly_gen.asym_id_list      A,B,C,D 
# 
loop_
_pdbx_struct_assembly_prop.biol_id 
_pdbx_struct_assembly_prop.type 
_pdbx_struct_assembly_prop.value 
_pdbx_struct_assembly_prop.details 
1 'ABSA (A^2)' 1660 ? 
1 MORE         -6   ? 
1 'SSA (A^2)'  7890 ? 
# 
loop_
_pdbx_struct_oper_list.id 
_pdbx_struct_oper_list.type 
_pdbx_struct_oper_list.name 
_pdbx_struct_oper_list.symmetry_operation 
_pdbx_struct_oper_list.matrix[1][1] 
_pdbx_struct_oper_list.matrix[1][2] 
_pdbx_struct_oper_list.matrix[1][3] 
_pdbx_struct_oper_list.vector[1] 
_pdbx_struct_oper_list.matrix[2][1] 
_pdbx_struct_oper_list.matrix[2][2] 
_pdbx_struct_oper_list.matrix[2][3] 
_pdbx_struct_oper_list.vector[2] 
_pdbx_struct_oper_list.matrix[3][1] 
_pdbx_struct_oper_list.matrix[3][2] 
_pdbx_struct_oper_list.matrix[3][3] 
_pdbx_struct_oper_list.vector[3] 
1 'identity operation'         1_555 x,y,z          1.0000000000  0.0000000000  0.0000000000 0.0000000000  0.0000000000  1.0000000000  0.0000000000  0.0000000000 0.0000000000 0.0000000000  1.0000000000  0.0000000000  
2 'crystal symmetry operation' 6_554 -x,-x+y,-z-1/3 -0.6048774712 -0.6007356816 0.5227235270 14.8321438481 -0.6007356816 -0.0866545619 -0.7947374584 1.6524381252 0.5227235270 -0.7947374584 -0.3084679669 -9.3124479586 
# 
loop_
_pdbx_audit_revision_history.ordinal 
_pdbx_audit_revision_history.data_content_type 
_pdbx_audit_revision_history.major_revision 
_pdbx_audit_revision_history.minor_revision 
_pdbx_audit_revision_history.revision_date 
1 'Structure model' 1 0 2009-06-16 
2 'Structure model' 1 1 2011-07-13 
3 'Structure model' 1 2 2023-11-01 
# 
_pdbx_audit_revision_details.ordinal             1 
_pdbx_audit_revision_details.revision_ordinal    1 
_pdbx_audit_revision_details.data_content_type   'Structure model' 
_pdbx_audit_revision_details.provider            repository 
_pdbx_audit_revision_details.type                'Initial release' 
_pdbx_audit_revision_details.description         ? 
_pdbx_audit_revision_details.details             ? 
# 
loop_
_pdbx_audit_revision_group.ordinal 
_pdbx_audit_revision_group.revision_ordinal 
_pdbx_audit_revision_group.data_content_type 
_pdbx_audit_revision_group.group 
1 2 'Structure model' Advisory                    
2 2 'Structure model' 'Version format compliance' 
3 3 'Structure model' 'Data collection'           
4 3 'Structure model' 'Database references'       
5 3 'Structure model' 'Derived calculations'      
6 3 'Structure model' 'Refinement description'    
# 
loop_
_pdbx_audit_revision_category.ordinal 
_pdbx_audit_revision_category.revision_ordinal 
_pdbx_audit_revision_category.data_content_type 
_pdbx_audit_revision_category.category 
1 3 'Structure model' chem_comp_atom                
2 3 'Structure model' chem_comp_bond                
3 3 'Structure model' database_2                    
4 3 'Structure model' pdbx_initial_refinement_model 
5 3 'Structure model' struct_ref_seq_dif            
6 3 'Structure model' struct_site                   
# 
loop_
_pdbx_audit_revision_item.ordinal 
_pdbx_audit_revision_item.revision_ordinal 
_pdbx_audit_revision_item.data_content_type 
_pdbx_audit_revision_item.item 
1 3 'Structure model' '_database_2.pdbx_DOI'                
2 3 'Structure model' '_database_2.pdbx_database_accession' 
3 3 'Structure model' '_struct_ref_seq_dif.details'         
4 3 'Structure model' '_struct_site.pdbx_auth_asym_id'      
5 3 'Structure model' '_struct_site.pdbx_auth_comp_id'      
6 3 'Structure model' '_struct_site.pdbx_auth_seq_id'       
# 
_pdbx_refine_tls.id               1 
_pdbx_refine_tls.details          ? 
_pdbx_refine_tls.method           refined 
_pdbx_refine_tls.origin_x         0.0050 
_pdbx_refine_tls.origin_y         -0.0297 
_pdbx_refine_tls.origin_z         0.0020 
_pdbx_refine_tls.T[1][1]          -0.0868 
_pdbx_refine_tls.T[2][2]          -0.1103 
_pdbx_refine_tls.T[3][3]          -0.0227 
_pdbx_refine_tls.T[1][2]          -0.0018 
_pdbx_refine_tls.T[1][3]          0.0074 
_pdbx_refine_tls.T[2][3]          -0.0037 
_pdbx_refine_tls.L[1][1]          4.1122 
_pdbx_refine_tls.L[2][2]          2.8068 
_pdbx_refine_tls.L[3][3]          3.0389 
_pdbx_refine_tls.L[1][2]          0.7078 
_pdbx_refine_tls.L[1][3]          -0.4642 
_pdbx_refine_tls.L[2][3]          0.4934 
_pdbx_refine_tls.S[1][1]          -0.0195 
_pdbx_refine_tls.S[1][2]          0.0175 
_pdbx_refine_tls.S[1][3]          0.1489 
_pdbx_refine_tls.S[2][1]          -0.0370 
_pdbx_refine_tls.S[2][2]          0.0577 
_pdbx_refine_tls.S[2][3]          0.1837 
_pdbx_refine_tls.S[3][1]          0.0044 
_pdbx_refine_tls.S[3][2]          0.1116 
_pdbx_refine_tls.S[3][3]          -0.0382 
_pdbx_refine_tls.pdbx_refine_id   'X-RAY DIFFRACTION' 
# 
_pdbx_refine_tls_group.id                  1 
_pdbx_refine_tls_group.refine_tls_id       1 
_pdbx_refine_tls_group.beg_auth_asym_id    A 
_pdbx_refine_tls_group.beg_auth_seq_id     1 
_pdbx_refine_tls_group.beg_label_asym_id   ? 
_pdbx_refine_tls_group.beg_label_seq_id    ? 
_pdbx_refine_tls_group.end_auth_asym_id    A 
_pdbx_refine_tls_group.end_auth_seq_id     80 
_pdbx_refine_tls_group.end_label_asym_id   ? 
_pdbx_refine_tls_group.end_label_seq_id    ? 
_pdbx_refine_tls_group.selection           ? 
_pdbx_refine_tls_group.selection_details   ? 
_pdbx_refine_tls_group.pdbx_refine_id      'X-RAY DIFFRACTION' 
# 
loop_
_software.name 
_software.classification 
_software.version 
_software.citation_id 
_software.pdbx_ordinal 
HKL-2000 'data collection' .        ? 1 
PHASER   phasing           .        ? 2 
REFMAC   refinement        5.2.0019 ? 3 
HKL-2000 'data reduction'  .        ? 4 
HKL-2000 'data scaling'    .        ? 5 
# 
loop_
_pdbx_unobs_or_zero_occ_residues.id 
_pdbx_unobs_or_zero_occ_residues.PDB_model_num 
_pdbx_unobs_or_zero_occ_residues.polymer_flag 
_pdbx_unobs_or_zero_occ_residues.occupancy_flag 
_pdbx_unobs_or_zero_occ_residues.auth_asym_id 
_pdbx_unobs_or_zero_occ_residues.auth_comp_id 
_pdbx_unobs_or_zero_occ_residues.auth_seq_id 
_pdbx_unobs_or_zero_occ_residues.PDB_ins_code 
_pdbx_unobs_or_zero_occ_residues.label_asym_id 
_pdbx_unobs_or_zero_occ_residues.label_comp_id 
_pdbx_unobs_or_zero_occ_residues.label_seq_id 
1  1 Y 1 A THR 81 ? A THR 81 
2  1 Y 1 A PRO 82 ? A PRO 82 
3  1 Y 1 A LYS 83 ? A LYS 83 
4  1 Y 1 A LEU 84 ? A LEU 84 
5  1 Y 1 A GLU 85 ? A GLU 85 
6  1 Y 1 A HIS 86 ? A HIS 86 
7  1 Y 1 A HIS 87 ? A HIS 87 
8  1 Y 1 A HIS 88 ? A HIS 88 
9  1 Y 1 A HIS 89 ? A HIS 89 
10 1 Y 1 A HIS 90 ? A HIS 90 
11 1 Y 1 A HIS 91 ? A HIS 91 
# 
loop_
_chem_comp_atom.comp_id 
_chem_comp_atom.atom_id 
_chem_comp_atom.type_symbol 
_chem_comp_atom.pdbx_aromatic_flag 
_chem_comp_atom.pdbx_stereo_config 
_chem_comp_atom.pdbx_ordinal 
ALA N      N N N 1   
ALA CA     C N S 2   
ALA C      C N N 3   
ALA O      O N N 4   
ALA CB     C N N 5   
ALA OXT    O N N 6   
ALA H      H N N 7   
ALA H2     H N N 8   
ALA HA     H N N 9   
ALA HB1    H N N 10  
ALA HB2    H N N 11  
ALA HB3    H N N 12  
ALA HXT    H N N 13  
ARG N      N N N 14  
ARG CA     C N S 15  
ARG C      C N N 16  
ARG O      O N N 17  
ARG CB     C N N 18  
ARG CG     C N N 19  
ARG CD     C N N 20  
ARG NE     N N N 21  
ARG CZ     C N N 22  
ARG NH1    N N N 23  
ARG NH2    N N N 24  
ARG OXT    O N N 25  
ARG H      H N N 26  
ARG H2     H N N 27  
ARG HA     H N N 28  
ARG HB2    H N N 29  
ARG HB3    H N N 30  
ARG HG2    H N N 31  
ARG HG3    H N N 32  
ARG HD2    H N N 33  
ARG HD3    H N N 34  
ARG HE     H N N 35  
ARG HH11   H N N 36  
ARG HH12   H N N 37  
ARG HH21   H N N 38  
ARG HH22   H N N 39  
ARG HXT    H N N 40  
ASN N      N N N 41  
ASN CA     C N S 42  
ASN C      C N N 43  
ASN O      O N N 44  
ASN CB     C N N 45  
ASN CG     C N N 46  
ASN OD1    O N N 47  
ASN ND2    N N N 48  
ASN OXT    O N N 49  
ASN H      H N N 50  
ASN H2     H N N 51  
ASN HA     H N N 52  
ASN HB2    H N N 53  
ASN HB3    H N N 54  
ASN HD21   H N N 55  
ASN HD22   H N N 56  
ASN HXT    H N N 57  
ASP N      N N N 58  
ASP CA     C N S 59  
ASP C      C N N 60  
ASP O      O N N 61  
ASP CB     C N N 62  
ASP CG     C N N 63  
ASP OD1    O N N 64  
ASP OD2    O N N 65  
ASP OXT    O N N 66  
ASP H      H N N 67  
ASP H2     H N N 68  
ASP HA     H N N 69  
ASP HB2    H N N 70  
ASP HB3    H N N 71  
ASP HD2    H N N 72  
ASP HXT    H N N 73  
DIO C1     C N N 74  
DIO C2     C N N 75  
DIO "C1'"  C N N 76  
DIO "C2'"  C N N 77  
DIO O1     O N N 78  
DIO "O1'"  O N N 79  
DIO H11    H N N 80  
DIO H12    H N N 81  
DIO H21    H N N 82  
DIO H22    H N N 83  
DIO "H1'1" H N N 84  
DIO "H1'2" H N N 85  
DIO "H2'1" H N N 86  
DIO "H2'2" H N N 87  
GLN N      N N N 88  
GLN CA     C N S 89  
GLN C      C N N 90  
GLN O      O N N 91  
GLN CB     C N N 92  
GLN CG     C N N 93  
GLN CD     C N N 94  
GLN OE1    O N N 95  
GLN NE2    N N N 96  
GLN OXT    O N N 97  
GLN H      H N N 98  
GLN H2     H N N 99  
GLN HA     H N N 100 
GLN HB2    H N N 101 
GLN HB3    H N N 102 
GLN HG2    H N N 103 
GLN HG3    H N N 104 
GLN HE21   H N N 105 
GLN HE22   H N N 106 
GLN HXT    H N N 107 
GLU N      N N N 108 
GLU CA     C N S 109 
GLU C      C N N 110 
GLU O      O N N 111 
GLU CB     C N N 112 
GLU CG     C N N 113 
GLU CD     C N N 114 
GLU OE1    O N N 115 
GLU OE2    O N N 116 
GLU OXT    O N N 117 
GLU H      H N N 118 
GLU H2     H N N 119 
GLU HA     H N N 120 
GLU HB2    H N N 121 
GLU HB3    H N N 122 
GLU HG2    H N N 123 
GLU HG3    H N N 124 
GLU HE2    H N N 125 
GLU HXT    H N N 126 
GLY N      N N N 127 
GLY CA     C N N 128 
GLY C      C N N 129 
GLY O      O N N 130 
GLY OXT    O N N 131 
GLY H      H N N 132 
GLY H2     H N N 133 
GLY HA2    H N N 134 
GLY HA3    H N N 135 
GLY HXT    H N N 136 
HIS N      N N N 137 
HIS CA     C N S 138 
HIS C      C N N 139 
HIS O      O N N 140 
HIS CB     C N N 141 
HIS CG     C Y N 142 
HIS ND1    N Y N 143 
HIS CD2    C Y N 144 
HIS CE1    C Y N 145 
HIS NE2    N Y N 146 
HIS OXT    O N N 147 
HIS H      H N N 148 
HIS H2     H N N 149 
HIS HA     H N N 150 
HIS HB2    H N N 151 
HIS HB3    H N N 152 
HIS HD1    H N N 153 
HIS HD2    H N N 154 
HIS HE1    H N N 155 
HIS HE2    H N N 156 
HIS HXT    H N N 157 
HOH O      O N N 158 
HOH H1     H N N 159 
HOH H2     H N N 160 
ILE N      N N N 161 
ILE CA     C N S 162 
ILE C      C N N 163 
ILE O      O N N 164 
ILE CB     C N S 165 
ILE CG1    C N N 166 
ILE CG2    C N N 167 
ILE CD1    C N N 168 
ILE OXT    O N N 169 
ILE H      H N N 170 
ILE H2     H N N 171 
ILE HA     H N N 172 
ILE HB     H N N 173 
ILE HG12   H N N 174 
ILE HG13   H N N 175 
ILE HG21   H N N 176 
ILE HG22   H N N 177 
ILE HG23   H N N 178 
ILE HD11   H N N 179 
ILE HD12   H N N 180 
ILE HD13   H N N 181 
ILE HXT    H N N 182 
LEU N      N N N 183 
LEU CA     C N S 184 
LEU C      C N N 185 
LEU O      O N N 186 
LEU CB     C N N 187 
LEU CG     C N N 188 
LEU CD1    C N N 189 
LEU CD2    C N N 190 
LEU OXT    O N N 191 
LEU H      H N N 192 
LEU H2     H N N 193 
LEU HA     H N N 194 
LEU HB2    H N N 195 
LEU HB3    H N N 196 
LEU HG     H N N 197 
LEU HD11   H N N 198 
LEU HD12   H N N 199 
LEU HD13   H N N 200 
LEU HD21   H N N 201 
LEU HD22   H N N 202 
LEU HD23   H N N 203 
LEU HXT    H N N 204 
LYS N      N N N 205 
LYS CA     C N S 206 
LYS C      C N N 207 
LYS O      O N N 208 
LYS CB     C N N 209 
LYS CG     C N N 210 
LYS CD     C N N 211 
LYS CE     C N N 212 
LYS NZ     N N N 213 
LYS OXT    O N N 214 
LYS H      H N N 215 
LYS H2     H N N 216 
LYS HA     H N N 217 
LYS HB2    H N N 218 
LYS HB3    H N N 219 
LYS HG2    H N N 220 
LYS HG3    H N N 221 
LYS HD2    H N N 222 
LYS HD3    H N N 223 
LYS HE2    H N N 224 
LYS HE3    H N N 225 
LYS HZ1    H N N 226 
LYS HZ2    H N N 227 
LYS HZ3    H N N 228 
LYS HXT    H N N 229 
MET N      N N N 230 
MET CA     C N S 231 
MET C      C N N 232 
MET O      O N N 233 
MET CB     C N N 234 
MET CG     C N N 235 
MET SD     S N N 236 
MET CE     C N N 237 
MET OXT    O N N 238 
MET H      H N N 239 
MET H2     H N N 240 
MET HA     H N N 241 
MET HB2    H N N 242 
MET HB3    H N N 243 
MET HG2    H N N 244 
MET HG3    H N N 245 
MET HE1    H N N 246 
MET HE2    H N N 247 
MET HE3    H N N 248 
MET HXT    H N N 249 
PHE N      N N N 250 
PHE CA     C N S 251 
PHE C      C N N 252 
PHE O      O N N 253 
PHE CB     C N N 254 
PHE CG     C Y N 255 
PHE CD1    C Y N 256 
PHE CD2    C Y N 257 
PHE CE1    C Y N 258 
PHE CE2    C Y N 259 
PHE CZ     C Y N 260 
PHE OXT    O N N 261 
PHE H      H N N 262 
PHE H2     H N N 263 
PHE HA     H N N 264 
PHE HB2    H N N 265 
PHE HB3    H N N 266 
PHE HD1    H N N 267 
PHE HD2    H N N 268 
PHE HE1    H N N 269 
PHE HE2    H N N 270 
PHE HZ     H N N 271 
PHE HXT    H N N 272 
PRO N      N N N 273 
PRO CA     C N S 274 
PRO C      C N N 275 
PRO O      O N N 276 
PRO CB     C N N 277 
PRO CG     C N N 278 
PRO CD     C N N 279 
PRO OXT    O N N 280 
PRO H      H N N 281 
PRO HA     H N N 282 
PRO HB2    H N N 283 
PRO HB3    H N N 284 
PRO HG2    H N N 285 
PRO HG3    H N N 286 
PRO HD2    H N N 287 
PRO HD3    H N N 288 
PRO HXT    H N N 289 
SER N      N N N 290 
SER CA     C N S 291 
SER C      C N N 292 
SER O      O N N 293 
SER CB     C N N 294 
SER OG     O N N 295 
SER OXT    O N N 296 
SER H      H N N 297 
SER H2     H N N 298 
SER HA     H N N 299 
SER HB2    H N N 300 
SER HB3    H N N 301 
SER HG     H N N 302 
SER HXT    H N N 303 
THR N      N N N 304 
THR CA     C N S 305 
THR C      C N N 306 
THR O      O N N 307 
THR CB     C N R 308 
THR OG1    O N N 309 
THR CG2    C N N 310 
THR OXT    O N N 311 
THR H      H N N 312 
THR H2     H N N 313 
THR HA     H N N 314 
THR HB     H N N 315 
THR HG1    H N N 316 
THR HG21   H N N 317 
THR HG22   H N N 318 
THR HG23   H N N 319 
THR HXT    H N N 320 
TYR N      N N N 321 
TYR CA     C N S 322 
TYR C      C N N 323 
TYR O      O N N 324 
TYR CB     C N N 325 
TYR CG     C Y N 326 
TYR CD1    C Y N 327 
TYR CD2    C Y N 328 
TYR CE1    C Y N 329 
TYR CE2    C Y N 330 
TYR CZ     C Y N 331 
TYR OH     O N N 332 
TYR OXT    O N N 333 
TYR H      H N N 334 
TYR H2     H N N 335 
TYR HA     H N N 336 
TYR HB2    H N N 337 
TYR HB3    H N N 338 
TYR HD1    H N N 339 
TYR HD2    H N N 340 
TYR HE1    H N N 341 
TYR HE2    H N N 342 
TYR HH     H N N 343 
TYR HXT    H N N 344 
VAL N      N N N 345 
VAL CA     C N S 346 
VAL C      C N N 347 
VAL O      O N N 348 
VAL CB     C N N 349 
VAL CG1    C N N 350 
VAL CG2    C N N 351 
VAL OXT    O N N 352 
VAL H      H N N 353 
VAL H2     H N N 354 
VAL HA     H N N 355 
VAL HB     H N N 356 
VAL HG11   H N N 357 
VAL HG12   H N N 358 
VAL HG13   H N N 359 
VAL HG21   H N N 360 
VAL HG22   H N N 361 
VAL HG23   H N N 362 
VAL HXT    H N N 363 
# 
loop_
_chem_comp_bond.comp_id 
_chem_comp_bond.atom_id_1 
_chem_comp_bond.atom_id_2 
_chem_comp_bond.value_order 
_chem_comp_bond.pdbx_aromatic_flag 
_chem_comp_bond.pdbx_stereo_config 
_chem_comp_bond.pdbx_ordinal 
ALA N     CA     sing N N 1   
ALA N     H      sing N N 2   
ALA N     H2     sing N N 3   
ALA CA    C      sing N N 4   
ALA CA    CB     sing N N 5   
ALA CA    HA     sing N N 6   
ALA C     O      doub N N 7   
ALA C     OXT    sing N N 8   
ALA CB    HB1    sing N N 9   
ALA CB    HB2    sing N N 10  
ALA CB    HB3    sing N N 11  
ALA OXT   HXT    sing N N 12  
ARG N     CA     sing N N 13  
ARG N     H      sing N N 14  
ARG N     H2     sing N N 15  
ARG CA    C      sing N N 16  
ARG CA    CB     sing N N 17  
ARG CA    HA     sing N N 18  
ARG C     O      doub N N 19  
ARG C     OXT    sing N N 20  
ARG CB    CG     sing N N 21  
ARG CB    HB2    sing N N 22  
ARG CB    HB3    sing N N 23  
ARG CG    CD     sing N N 24  
ARG CG    HG2    sing N N 25  
ARG CG    HG3    sing N N 26  
ARG CD    NE     sing N N 27  
ARG CD    HD2    sing N N 28  
ARG CD    HD3    sing N N 29  
ARG NE    CZ     sing N N 30  
ARG NE    HE     sing N N 31  
ARG CZ    NH1    sing N N 32  
ARG CZ    NH2    doub N N 33  
ARG NH1   HH11   sing N N 34  
ARG NH1   HH12   sing N N 35  
ARG NH2   HH21   sing N N 36  
ARG NH2   HH22   sing N N 37  
ARG OXT   HXT    sing N N 38  
ASN N     CA     sing N N 39  
ASN N     H      sing N N 40  
ASN N     H2     sing N N 41  
ASN CA    C      sing N N 42  
ASN CA    CB     sing N N 43  
ASN CA    HA     sing N N 44  
ASN C     O      doub N N 45  
ASN C     OXT    sing N N 46  
ASN CB    CG     sing N N 47  
ASN CB    HB2    sing N N 48  
ASN CB    HB3    sing N N 49  
ASN CG    OD1    doub N N 50  
ASN CG    ND2    sing N N 51  
ASN ND2   HD21   sing N N 52  
ASN ND2   HD22   sing N N 53  
ASN OXT   HXT    sing N N 54  
ASP N     CA     sing N N 55  
ASP N     H      sing N N 56  
ASP N     H2     sing N N 57  
ASP CA    C      sing N N 58  
ASP CA    CB     sing N N 59  
ASP CA    HA     sing N N 60  
ASP C     O      doub N N 61  
ASP C     OXT    sing N N 62  
ASP CB    CG     sing N N 63  
ASP CB    HB2    sing N N 64  
ASP CB    HB3    sing N N 65  
ASP CG    OD1    doub N N 66  
ASP CG    OD2    sing N N 67  
ASP OD2   HD2    sing N N 68  
ASP OXT   HXT    sing N N 69  
DIO C1    "C1'"  sing N N 70  
DIO C1    O1     sing N N 71  
DIO C1    H11    sing N N 72  
DIO C1    H12    sing N N 73  
DIO C2    "C2'"  sing N N 74  
DIO C2    O1     sing N N 75  
DIO C2    H21    sing N N 76  
DIO C2    H22    sing N N 77  
DIO "C1'" "O1'"  sing N N 78  
DIO "C1'" "H1'1" sing N N 79  
DIO "C1'" "H1'2" sing N N 80  
DIO "C2'" "O1'"  sing N N 81  
DIO "C2'" "H2'1" sing N N 82  
DIO "C2'" "H2'2" sing N N 83  
GLN N     CA     sing N N 84  
GLN N     H      sing N N 85  
GLN N     H2     sing N N 86  
GLN CA    C      sing N N 87  
GLN CA    CB     sing N N 88  
GLN CA    HA     sing N N 89  
GLN C     O      doub N N 90  
GLN C     OXT    sing N N 91  
GLN CB    CG     sing N N 92  
GLN CB    HB2    sing N N 93  
GLN CB    HB3    sing N N 94  
GLN CG    CD     sing N N 95  
GLN CG    HG2    sing N N 96  
GLN CG    HG3    sing N N 97  
GLN CD    OE1    doub N N 98  
GLN CD    NE2    sing N N 99  
GLN NE2   HE21   sing N N 100 
GLN NE2   HE22   sing N N 101 
GLN OXT   HXT    sing N N 102 
GLU N     CA     sing N N 103 
GLU N     H      sing N N 104 
GLU N     H2     sing N N 105 
GLU CA    C      sing N N 106 
GLU CA    CB     sing N N 107 
GLU CA    HA     sing N N 108 
GLU C     O      doub N N 109 
GLU C     OXT    sing N N 110 
GLU CB    CG     sing N N 111 
GLU CB    HB2    sing N N 112 
GLU CB    HB3    sing N N 113 
GLU CG    CD     sing N N 114 
GLU CG    HG2    sing N N 115 
GLU CG    HG3    sing N N 116 
GLU CD    OE1    doub N N 117 
GLU CD    OE2    sing N N 118 
GLU OE2   HE2    sing N N 119 
GLU OXT   HXT    sing N N 120 
GLY N     CA     sing N N 121 
GLY N     H      sing N N 122 
GLY N     H2     sing N N 123 
GLY CA    C      sing N N 124 
GLY CA    HA2    sing N N 125 
GLY CA    HA3    sing N N 126 
GLY C     O      doub N N 127 
GLY C     OXT    sing N N 128 
GLY OXT   HXT    sing N N 129 
HIS N     CA     sing N N 130 
HIS N     H      sing N N 131 
HIS N     H2     sing N N 132 
HIS CA    C      sing N N 133 
HIS CA    CB     sing N N 134 
HIS CA    HA     sing N N 135 
HIS C     O      doub N N 136 
HIS C     OXT    sing N N 137 
HIS CB    CG     sing N N 138 
HIS CB    HB2    sing N N 139 
HIS CB    HB3    sing N N 140 
HIS CG    ND1    sing Y N 141 
HIS CG    CD2    doub Y N 142 
HIS ND1   CE1    doub Y N 143 
HIS ND1   HD1    sing N N 144 
HIS CD2   NE2    sing Y N 145 
HIS CD2   HD2    sing N N 146 
HIS CE1   NE2    sing Y N 147 
HIS CE1   HE1    sing N N 148 
HIS NE2   HE2    sing N N 149 
HIS OXT   HXT    sing N N 150 
HOH O     H1     sing N N 151 
HOH O     H2     sing N N 152 
ILE N     CA     sing N N 153 
ILE N     H      sing N N 154 
ILE N     H2     sing N N 155 
ILE CA    C      sing N N 156 
ILE CA    CB     sing N N 157 
ILE CA    HA     sing N N 158 
ILE C     O      doub N N 159 
ILE C     OXT    sing N N 160 
ILE CB    CG1    sing N N 161 
ILE CB    CG2    sing N N 162 
ILE CB    HB     sing N N 163 
ILE CG1   CD1    sing N N 164 
ILE CG1   HG12   sing N N 165 
ILE CG1   HG13   sing N N 166 
ILE CG2   HG21   sing N N 167 
ILE CG2   HG22   sing N N 168 
ILE CG2   HG23   sing N N 169 
ILE CD1   HD11   sing N N 170 
ILE CD1   HD12   sing N N 171 
ILE CD1   HD13   sing N N 172 
ILE OXT   HXT    sing N N 173 
LEU N     CA     sing N N 174 
LEU N     H      sing N N 175 
LEU N     H2     sing N N 176 
LEU CA    C      sing N N 177 
LEU CA    CB     sing N N 178 
LEU CA    HA     sing N N 179 
LEU C     O      doub N N 180 
LEU C     OXT    sing N N 181 
LEU CB    CG     sing N N 182 
LEU CB    HB2    sing N N 183 
LEU CB    HB3    sing N N 184 
LEU CG    CD1    sing N N 185 
LEU CG    CD2    sing N N 186 
LEU CG    HG     sing N N 187 
LEU CD1   HD11   sing N N 188 
LEU CD1   HD12   sing N N 189 
LEU CD1   HD13   sing N N 190 
LEU CD2   HD21   sing N N 191 
LEU CD2   HD22   sing N N 192 
LEU CD2   HD23   sing N N 193 
LEU OXT   HXT    sing N N 194 
LYS N     CA     sing N N 195 
LYS N     H      sing N N 196 
LYS N     H2     sing N N 197 
LYS CA    C      sing N N 198 
LYS CA    CB     sing N N 199 
LYS CA    HA     sing N N 200 
LYS C     O      doub N N 201 
LYS C     OXT    sing N N 202 
LYS CB    CG     sing N N 203 
LYS CB    HB2    sing N N 204 
LYS CB    HB3    sing N N 205 
LYS CG    CD     sing N N 206 
LYS CG    HG2    sing N N 207 
LYS CG    HG3    sing N N 208 
LYS CD    CE     sing N N 209 
LYS CD    HD2    sing N N 210 
LYS CD    HD3    sing N N 211 
LYS CE    NZ     sing N N 212 
LYS CE    HE2    sing N N 213 
LYS CE    HE3    sing N N 214 
LYS NZ    HZ1    sing N N 215 
LYS NZ    HZ2    sing N N 216 
LYS NZ    HZ3    sing N N 217 
LYS OXT   HXT    sing N N 218 
MET N     CA     sing N N 219 
MET N     H      sing N N 220 
MET N     H2     sing N N 221 
MET CA    C      sing N N 222 
MET CA    CB     sing N N 223 
MET CA    HA     sing N N 224 
MET C     O      doub N N 225 
MET C     OXT    sing N N 226 
MET CB    CG     sing N N 227 
MET CB    HB2    sing N N 228 
MET CB    HB3    sing N N 229 
MET CG    SD     sing N N 230 
MET CG    HG2    sing N N 231 
MET CG    HG3    sing N N 232 
MET SD    CE     sing N N 233 
MET CE    HE1    sing N N 234 
MET CE    HE2    sing N N 235 
MET CE    HE3    sing N N 236 
MET OXT   HXT    sing N N 237 
PHE N     CA     sing N N 238 
PHE N     H      sing N N 239 
PHE N     H2     sing N N 240 
PHE CA    C      sing N N 241 
PHE CA    CB     sing N N 242 
PHE CA    HA     sing N N 243 
PHE C     O      doub N N 244 
PHE C     OXT    sing N N 245 
PHE CB    CG     sing N N 246 
PHE CB    HB2    sing N N 247 
PHE CB    HB3    sing N N 248 
PHE CG    CD1    doub Y N 249 
PHE CG    CD2    sing Y N 250 
PHE CD1   CE1    sing Y N 251 
PHE CD1   HD1    sing N N 252 
PHE CD2   CE2    doub Y N 253 
PHE CD2   HD2    sing N N 254 
PHE CE1   CZ     doub Y N 255 
PHE CE1   HE1    sing N N 256 
PHE CE2   CZ     sing Y N 257 
PHE CE2   HE2    sing N N 258 
PHE CZ    HZ     sing N N 259 
PHE OXT   HXT    sing N N 260 
PRO N     CA     sing N N 261 
PRO N     CD     sing N N 262 
PRO N     H      sing N N 263 
PRO CA    C      sing N N 264 
PRO CA    CB     sing N N 265 
PRO CA    HA     sing N N 266 
PRO C     O      doub N N 267 
PRO C     OXT    sing N N 268 
PRO CB    CG     sing N N 269 
PRO CB    HB2    sing N N 270 
PRO CB    HB3    sing N N 271 
PRO CG    CD     sing N N 272 
PRO CG    HG2    sing N N 273 
PRO CG    HG3    sing N N 274 
PRO CD    HD2    sing N N 275 
PRO CD    HD3    sing N N 276 
PRO OXT   HXT    sing N N 277 
SER N     CA     sing N N 278 
SER N     H      sing N N 279 
SER N     H2     sing N N 280 
SER CA    C      sing N N 281 
SER CA    CB     sing N N 282 
SER CA    HA     sing N N 283 
SER C     O      doub N N 284 
SER C     OXT    sing N N 285 
SER CB    OG     sing N N 286 
SER CB    HB2    sing N N 287 
SER CB    HB3    sing N N 288 
SER OG    HG     sing N N 289 
SER OXT   HXT    sing N N 290 
THR N     CA     sing N N 291 
THR N     H      sing N N 292 
THR N     H2     sing N N 293 
THR CA    C      sing N N 294 
THR CA    CB     sing N N 295 
THR CA    HA     sing N N 296 
THR C     O      doub N N 297 
THR C     OXT    sing N N 298 
THR CB    OG1    sing N N 299 
THR CB    CG2    sing N N 300 
THR CB    HB     sing N N 301 
THR OG1   HG1    sing N N 302 
THR CG2   HG21   sing N N 303 
THR CG2   HG22   sing N N 304 
THR CG2   HG23   sing N N 305 
THR OXT   HXT    sing N N 306 
TYR N     CA     sing N N 307 
TYR N     H      sing N N 308 
TYR N     H2     sing N N 309 
TYR CA    C      sing N N 310 
TYR CA    CB     sing N N 311 
TYR CA    HA     sing N N 312 
TYR C     O      doub N N 313 
TYR C     OXT    sing N N 314 
TYR CB    CG     sing N N 315 
TYR CB    HB2    sing N N 316 
TYR CB    HB3    sing N N 317 
TYR CG    CD1    doub Y N 318 
TYR CG    CD2    sing Y N 319 
TYR CD1   CE1    sing Y N 320 
TYR CD1   HD1    sing N N 321 
TYR CD2   CE2    doub Y N 322 
TYR CD2   HD2    sing N N 323 
TYR CE1   CZ     doub Y N 324 
TYR CE1   HE1    sing N N 325 
TYR CE2   CZ     sing Y N 326 
TYR CE2   HE2    sing N N 327 
TYR CZ    OH     sing N N 328 
TYR OH    HH     sing N N 329 
TYR OXT   HXT    sing N N 330 
VAL N     CA     sing N N 331 
VAL N     H      sing N N 332 
VAL N     H2     sing N N 333 
VAL CA    C      sing N N 334 
VAL CA    CB     sing N N 335 
VAL CA    HA     sing N N 336 
VAL C     O      doub N N 337 
VAL C     OXT    sing N N 338 
VAL CB    CG1    sing N N 339 
VAL CB    CG2    sing N N 340 
VAL CB    HB     sing N N 341 
VAL CG1   HG11   sing N N 342 
VAL CG1   HG12   sing N N 343 
VAL CG1   HG13   sing N N 344 
VAL CG2   HG21   sing N N 345 
VAL CG2   HG22   sing N N 346 
VAL CG2   HG23   sing N N 347 
VAL OXT   HXT    sing N N 348 
# 
loop_
_pdbx_entity_nonpoly.entity_id 
_pdbx_entity_nonpoly.name 
_pdbx_entity_nonpoly.comp_id 
2 '1,4-DIETHYLENE DIOXIDE' DIO 
3 water                    HOH 
# 
_pdbx_initial_refinement_model.id               1 
_pdbx_initial_refinement_model.entity_id_list   ? 
_pdbx_initial_refinement_model.type             'experimental model' 
_pdbx_initial_refinement_model.source_name      PDB 
_pdbx_initial_refinement_model.accession_code   2EXU 
_pdbx_initial_refinement_model.details          'PDB CODE 2EXU' 
# 
